data_7KWZ
#
_entry.id   7KWZ
#
_cell.length_a   1.00
_cell.length_b   1.00
_cell.length_c   1.00
_cell.angle_alpha   90.00
_cell.angle_beta   90.00
_cell.angle_gamma   90.00
#
_symmetry.space_group_name_H-M   'P 1'
#
_entity_poly.entity_id   1
_entity_poly.type   'polypeptide(L)'
_entity_poly.pdbx_seq_one_letter_code
;NRQLERSGRFGGNPGGFGNQGGFGNSRGGGAGLGNNQGSNMGGGMNFGAFSINPAMMAAAQAALQSSWGMMGMLASQQNQ
SGPSGNNQNQGNMQREPNQAFGSGNNSYSGSNSGAAIGWGSASNAGSGSGFNGGFGSSMDSKSSGWGM
;
_entity_poly.pdbx_strand_id   A,B,C,D,E
#
# COMPACT_ATOMS: atom_id res chain seq x y z
N PHE A 10 29.59 -9.04 -25.38
CA PHE A 10 28.89 -8.33 -24.31
C PHE A 10 27.63 -9.09 -23.89
N GLY A 11 27.80 -10.37 -23.55
CA GLY A 11 26.69 -11.19 -23.09
C GLY A 11 26.69 -11.35 -21.58
N GLY A 12 26.77 -12.59 -21.10
CA GLY A 12 26.82 -12.80 -19.67
C GLY A 12 26.89 -14.28 -19.34
N ASN A 13 27.13 -14.55 -18.05
CA ASN A 13 27.19 -15.89 -17.51
C ASN A 13 26.99 -15.83 -15.99
N PRO A 14 25.83 -15.38 -15.52
CA PRO A 14 25.63 -15.20 -14.08
C PRO A 14 25.32 -16.51 -13.38
N GLY A 15 26.27 -16.99 -12.59
CA GLY A 15 26.10 -18.26 -11.90
C GLY A 15 27.14 -18.49 -10.83
N GLY A 16 27.64 -19.72 -10.73
CA GLY A 16 28.69 -20.02 -9.78
C GLY A 16 28.26 -19.87 -8.34
N PHE A 17 27.38 -20.75 -7.89
CA PHE A 17 26.86 -20.71 -6.53
C PHE A 17 27.22 -22.02 -5.82
N GLY A 18 27.64 -21.90 -4.56
CA GLY A 18 27.91 -23.09 -3.79
C GLY A 18 27.36 -23.02 -2.38
N ASN A 19 26.64 -24.06 -1.96
CA ASN A 19 26.18 -24.18 -0.59
C ASN A 19 26.65 -25.53 -0.04
N GLN A 20 26.82 -25.60 1.28
CA GLN A 20 27.34 -26.82 1.88
C GLN A 20 26.43 -27.33 3.00
N GLY A 21 25.74 -26.43 3.68
CA GLY A 21 24.85 -26.80 4.75
C GLY A 21 23.46 -27.11 4.23
N GLY A 22 22.49 -27.04 5.14
CA GLY A 22 21.11 -27.24 4.76
C GLY A 22 20.62 -26.14 3.84
N PHE A 23 19.42 -26.36 3.30
CA PHE A 23 18.84 -25.39 2.37
C PHE A 23 17.32 -25.48 2.47
N GLY A 24 16.71 -24.50 3.14
CA GLY A 24 15.27 -24.47 3.27
C GLY A 24 14.69 -25.68 3.96
N ASN A 25 15.48 -26.36 4.79
CA ASN A 25 15.05 -27.59 5.45
C ASN A 25 14.45 -27.24 6.80
N SER A 26 13.11 -27.19 6.86
CA SER A 26 12.40 -26.90 8.09
C SER A 26 12.36 -28.17 8.93
N ARG A 27 13.49 -28.46 9.57
CA ARG A 27 13.61 -29.65 10.41
C ARG A 27 13.06 -29.33 11.79
N GLY A 28 11.76 -29.57 11.97
CA GLY A 28 11.17 -29.37 13.27
C GLY A 28 11.34 -30.60 14.14
N GLY A 29 12.32 -30.56 15.05
CA GLY A 29 12.65 -31.69 15.88
C GLY A 29 12.51 -31.37 17.36
N GLY A 30 12.80 -32.39 18.17
CA GLY A 30 12.73 -32.25 19.61
C GLY A 30 11.30 -32.31 20.13
N ALA A 31 11.16 -31.88 21.37
CA ALA A 31 9.85 -31.85 22.02
C ALA A 31 8.97 -30.72 21.49
N GLY A 32 9.56 -29.72 20.84
CA GLY A 32 8.80 -28.63 20.27
C GLY A 32 7.78 -29.06 19.26
N LEU A 33 6.55 -28.55 19.37
CA LEU A 33 5.34 -28.92 18.62
C LEU A 33 4.75 -30.22 19.14
N GLY A 34 5.24 -30.74 20.27
CA GLY A 34 4.91 -32.08 20.72
C GLY A 34 3.48 -32.28 21.15
N ASN A 35 2.67 -31.24 21.22
CA ASN A 35 1.27 -31.40 21.60
C ASN A 35 0.47 -30.24 21.05
N ASN A 36 -0.32 -30.49 20.01
CA ASN A 36 -1.19 -29.50 19.40
C ASN A 36 -2.62 -29.74 19.84
N GLN A 37 -3.29 -28.69 20.30
CA GLN A 37 -4.72 -28.75 20.65
C GLN A 37 -5.40 -27.63 19.91
N GLY A 38 -5.95 -27.94 18.74
CA GLY A 38 -6.60 -26.96 17.90
C GLY A 38 -8.11 -27.12 17.99
N SER A 39 -8.79 -26.01 18.25
CA SER A 39 -10.24 -25.98 18.30
C SER A 39 -10.77 -24.81 17.51
N ASN A 40 -11.84 -25.06 16.76
CA ASN A 40 -12.51 -24.01 16.01
C ASN A 40 -13.98 -24.02 16.35
N MET A 41 -14.62 -22.87 16.17
CA MET A 41 -16.05 -22.74 16.36
C MET A 41 -16.55 -21.60 15.48
N GLY A 42 -17.82 -21.66 15.11
CA GLY A 42 -18.32 -20.67 14.20
C GLY A 42 -17.58 -20.73 12.87
N GLY A 43 -17.58 -19.59 12.17
CA GLY A 43 -16.81 -19.48 10.96
C GLY A 43 -15.33 -19.39 11.23
N GLY A 44 -14.57 -18.78 10.32
CA GLY A 44 -13.18 -18.51 10.57
C GLY A 44 -12.34 -19.77 10.62
N MET A 45 -11.06 -19.57 10.91
CA MET A 45 -10.09 -20.66 10.89
C MET A 45 -9.21 -20.65 12.13
N ASN A 46 -8.76 -21.85 12.48
CA ASN A 46 -7.72 -22.01 13.48
C ASN A 46 -6.60 -22.84 12.89
N PHE A 47 -5.36 -22.48 13.20
CA PHE A 47 -4.19 -23.18 12.68
C PHE A 47 -3.31 -23.59 13.85
N GLY A 48 -2.25 -24.34 13.53
CA GLY A 48 -1.37 -24.80 14.58
C GLY A 48 -0.04 -24.10 14.68
N ALA A 49 0.63 -23.88 13.55
CA ALA A 49 1.96 -23.30 13.50
C ALA A 49 2.34 -23.16 12.03
N PHE A 50 3.34 -22.32 11.76
CA PHE A 50 3.79 -22.07 10.41
C PHE A 50 5.31 -22.03 10.36
N SER A 51 5.89 -22.88 9.52
CA SER A 51 7.33 -22.82 9.24
C SER A 51 7.46 -22.73 7.72
N ILE A 52 7.68 -21.52 7.21
CA ILE A 52 7.74 -21.25 5.79
C ILE A 52 9.14 -20.77 5.48
N ASN A 53 9.93 -21.58 4.80
CA ASN A 53 11.32 -21.22 4.52
C ASN A 53 11.67 -21.40 3.04
N PRO A 54 11.04 -20.63 2.16
CA PRO A 54 11.30 -20.79 0.72
C PRO A 54 12.68 -20.31 0.31
N ALA A 55 13.72 -20.98 0.79
CA ALA A 55 15.06 -20.69 0.32
C ALA A 55 15.17 -21.03 -1.16
N MET A 56 15.97 -20.27 -1.89
CA MET A 56 16.06 -20.53 -3.31
C MET A 56 17.40 -20.07 -3.86
N MET A 57 17.73 -20.59 -5.03
CA MET A 57 18.99 -20.28 -5.72
C MET A 57 18.58 -19.85 -7.13
N ALA A 58 18.63 -18.56 -7.41
CA ALA A 58 18.05 -18.01 -8.62
C ALA A 58 19.11 -17.26 -9.42
N ALA A 59 19.15 -17.53 -10.72
CA ALA A 59 20.00 -16.78 -11.63
C ALA A 59 19.20 -16.40 -12.86
N ALA A 60 19.60 -15.28 -13.45
CA ALA A 60 18.97 -14.80 -14.68
C ALA A 60 19.91 -13.79 -15.32
N GLN A 61 19.58 -13.37 -16.53
CA GLN A 61 20.35 -12.35 -17.20
C GLN A 61 19.57 -11.06 -17.42
N ALA A 62 18.26 -11.08 -17.25
CA ALA A 62 17.47 -9.86 -17.25
C ALA A 62 16.28 -10.13 -16.33
N ALA A 63 16.43 -9.73 -15.07
CA ALA A 63 15.34 -9.84 -14.10
C ALA A 63 14.56 -8.55 -14.19
N LEU A 64 13.60 -8.52 -15.11
CA LEU A 64 12.92 -7.29 -15.48
C LEU A 64 11.50 -7.33 -14.94
N GLN A 65 11.19 -6.41 -14.04
CA GLN A 65 9.87 -6.31 -13.42
C GLN A 65 9.44 -7.61 -12.77
N SER A 66 10.38 -8.33 -12.17
CA SER A 66 10.11 -9.61 -11.56
C SER A 66 10.07 -9.48 -10.03
N SER A 67 9.57 -10.53 -9.39
CA SER A 67 9.61 -10.64 -7.94
C SER A 67 10.13 -12.02 -7.60
N TRP A 68 11.09 -12.09 -6.68
CA TRP A 68 11.75 -13.35 -6.41
C TRP A 68 11.58 -13.84 -4.98
N GLY A 69 10.90 -13.10 -4.12
CA GLY A 69 10.62 -13.59 -2.78
C GLY A 69 9.16 -13.84 -2.54
N MET A 70 8.50 -12.91 -1.86
CA MET A 70 7.06 -12.91 -1.71
C MET A 70 6.52 -11.60 -2.27
N MET A 71 5.22 -11.58 -2.56
CA MET A 71 4.66 -10.34 -3.06
C MET A 71 3.53 -9.75 -2.22
N GLY A 72 2.47 -10.51 -1.99
CA GLY A 72 1.22 -9.83 -1.69
C GLY A 72 0.94 -9.40 -0.27
N MET A 73 0.75 -10.36 0.64
CA MET A 73 0.18 -10.08 1.94
C MET A 73 0.56 -11.24 2.86
N LEU A 74 1.30 -10.94 3.92
CA LEU A 74 1.75 -12.01 4.81
C LEU A 74 0.83 -12.19 6.00
N ALA A 75 0.62 -11.12 6.77
CA ALA A 75 -0.36 -11.15 7.87
C ALA A 75 -1.06 -9.81 7.83
N SER A 76 -2.26 -9.80 7.27
CA SER A 76 -2.88 -8.52 6.99
C SER A 76 -4.39 -8.61 7.09
N GLN A 77 -4.99 -7.60 7.70
CA GLN A 77 -6.43 -7.50 7.85
C GLN A 77 -6.90 -6.38 6.94
N GLN A 78 -7.03 -6.70 5.66
CA GLN A 78 -7.51 -5.73 4.67
C GLN A 78 -9.00 -5.97 4.45
N ASN A 79 -9.75 -6.02 5.55
CA ASN A 79 -11.14 -6.40 5.44
C ASN A 79 -12.00 -5.16 5.24
N GLN A 80 -13.13 -5.35 4.56
CA GLN A 80 -13.90 -4.23 4.04
C GLN A 80 -15.34 -4.33 4.50
N SER A 81 -15.91 -3.18 4.87
CA SER A 81 -17.28 -3.11 5.33
C SER A 81 -18.00 -1.97 4.62
N GLY A 82 -19.24 -2.23 4.21
CA GLY A 82 -20.03 -1.25 3.51
C GLY A 82 -20.73 -0.31 4.46
N PRO A 83 -21.69 0.46 3.96
CA PRO A 83 -22.34 1.46 4.78
C PRO A 83 -23.02 0.85 6.00
N SER A 84 -23.05 1.61 7.08
CA SER A 84 -23.73 1.20 8.29
C SER A 84 -24.71 2.23 8.81
N GLY A 85 -24.76 3.41 8.21
CA GLY A 85 -25.68 4.43 8.66
C GLY A 85 -27.07 4.24 8.09
N ASN A 86 -27.95 5.16 8.44
CA ASN A 86 -29.36 5.09 8.08
C ASN A 86 -29.68 6.15 7.06
N ASN A 87 -30.41 5.77 6.02
CA ASN A 87 -30.86 6.69 4.98
C ASN A 87 -32.36 6.87 5.13
N GLN A 88 -32.78 8.01 5.66
CA GLN A 88 -34.18 8.32 5.89
C GLN A 88 -34.66 9.28 4.81
N ASN A 89 -35.78 8.93 4.17
CA ASN A 89 -36.38 9.76 3.13
C ASN A 89 -37.88 9.82 3.37
N GLN A 90 -38.31 10.82 4.15
CA GLN A 90 -39.71 10.96 4.55
C GLN A 90 -40.44 12.08 3.81
N GLY A 91 -40.18 12.21 2.51
CA GLY A 91 -41.02 13.09 1.72
C GLY A 91 -40.26 13.93 0.71
N ASN A 92 -40.76 13.97 -0.52
CA ASN A 92 -40.23 14.87 -1.54
C ASN A 92 -41.39 15.27 -2.44
N MET A 93 -42.01 16.41 -2.14
CA MET A 93 -43.14 16.89 -2.91
C MET A 93 -42.70 17.38 -4.28
N GLN A 94 -42.88 16.55 -5.31
CA GLN A 94 -42.62 16.93 -6.69
C GLN A 94 -43.96 16.97 -7.43
N ARG A 95 -44.20 18.06 -8.15
CA ARG A 95 -45.42 18.16 -8.94
C ARG A 95 -45.24 17.55 -10.33
N GLU A 96 -44.25 18.04 -11.08
CA GLU A 96 -44.06 17.61 -12.46
C GLU A 96 -42.60 17.78 -12.86
N PRO A 97 -41.82 16.71 -12.84
CA PRO A 97 -40.53 16.73 -13.55
C PRO A 97 -40.75 16.50 -15.03
N ASN A 98 -39.68 16.68 -15.80
CA ASN A 98 -39.75 16.54 -17.25
C ASN A 98 -38.35 16.33 -17.80
N GLN A 99 -38.16 15.23 -18.54
CA GLN A 99 -36.87 14.88 -19.12
C GLN A 99 -35.76 14.85 -18.06
N ALA A 100 -36.14 14.60 -16.81
CA ALA A 100 -35.18 14.64 -15.72
C ALA A 100 -34.26 13.43 -15.75
N PHE A 101 -33.10 13.58 -16.38
CA PHE A 101 -32.15 12.47 -16.44
C PHE A 101 -31.66 12.10 -15.04
N GLY A 102 -31.20 13.08 -14.27
CA GLY A 102 -30.92 12.83 -12.87
C GLY A 102 -31.56 13.86 -11.97
N SER A 103 -32.55 13.44 -11.19
CA SER A 103 -33.17 14.38 -10.26
C SER A 103 -33.75 13.61 -9.08
N GLY A 104 -33.89 14.32 -7.96
CA GLY A 104 -34.56 13.79 -6.79
C GLY A 104 -33.92 12.54 -6.22
N ASN A 105 -32.66 12.28 -6.52
CA ASN A 105 -32.02 11.01 -6.18
C ASN A 105 -31.33 11.12 -4.83
N ASN A 106 -31.95 10.54 -3.81
CA ASN A 106 -31.26 10.33 -2.55
C ASN A 106 -30.43 9.05 -2.67
N SER A 107 -29.12 9.17 -2.46
CA SER A 107 -28.22 8.04 -2.66
C SER A 107 -27.27 7.95 -1.48
N TYR A 108 -27.42 6.92 -0.68
CA TYR A 108 -26.49 6.58 0.39
C TYR A 108 -25.58 5.47 -0.12
N SER A 109 -24.36 5.82 -0.49
CA SER A 109 -23.52 4.87 -1.21
C SER A 109 -22.16 4.74 -0.56
N GLY A 110 -21.63 3.52 -0.59
CA GLY A 110 -20.29 3.28 -0.09
C GLY A 110 -19.50 2.40 -1.04
N SER A 111 -18.20 2.66 -1.18
CA SER A 111 -17.39 1.90 -2.11
C SER A 111 -16.00 1.73 -1.55
N ASN A 112 -15.48 0.51 -1.61
CA ASN A 112 -14.17 0.18 -1.07
C ASN A 112 -13.38 -0.59 -2.12
N SER A 113 -12.06 -0.43 -2.09
CA SER A 113 -11.18 -1.15 -2.98
C SER A 113 -9.98 -1.67 -2.20
N GLY A 114 -9.37 -2.70 -2.74
CA GLY A 114 -8.26 -3.33 -2.06
C GLY A 114 -6.94 -2.67 -2.36
N ALA A 115 -5.91 -3.13 -1.68
CA ALA A 115 -4.56 -2.62 -1.91
C ALA A 115 -4.08 -3.06 -3.28
N ALA A 116 -3.59 -2.10 -4.06
CA ALA A 116 -3.02 -2.40 -5.37
C ALA A 116 -1.54 -2.65 -5.19
N ILE A 117 -1.13 -3.91 -5.21
CA ILE A 117 0.24 -4.31 -4.93
C ILE A 117 0.85 -4.90 -6.19
N GLY A 118 2.07 -4.50 -6.49
CA GLY A 118 2.77 -5.04 -7.63
C GLY A 118 2.83 -4.05 -8.78
N TRP A 119 3.39 -4.53 -9.89
CA TRP A 119 3.56 -3.70 -11.06
C TRP A 119 2.22 -3.38 -11.69
N GLY A 120 2.07 -2.15 -12.16
CA GLY A 120 0.93 -1.76 -12.94
C GLY A 120 -0.42 -2.18 -12.38
N SER A 121 -0.54 -2.27 -11.07
CA SER A 121 -1.85 -2.55 -10.51
C SER A 121 -2.65 -1.26 -10.39
N ALA A 122 -3.87 -1.39 -9.88
CA ALA A 122 -4.75 -0.23 -9.76
C ALA A 122 -5.95 -0.60 -8.91
N SER A 123 -6.34 0.32 -8.03
CA SER A 123 -7.55 0.16 -7.25
C SER A 123 -8.37 1.44 -7.36
N ASN A 124 -9.48 1.35 -8.07
CA ASN A 124 -10.34 2.49 -8.30
C ASN A 124 -11.61 2.33 -7.49
N ALA A 125 -12.03 3.38 -6.80
CA ALA A 125 -13.22 3.31 -5.96
C ALA A 125 -14.01 4.59 -6.15
N GLY A 126 -15.13 4.48 -6.84
CA GLY A 126 -16.02 5.60 -7.09
C GLY A 126 -17.32 5.43 -6.34
N SER A 127 -17.79 6.51 -5.71
CA SER A 127 -19.06 6.44 -5.03
C SER A 127 -19.76 7.79 -5.11
N GLY A 128 -21.07 7.74 -5.34
CA GLY A 128 -21.83 8.97 -5.33
C GLY A 128 -22.97 9.03 -6.32
N SER A 129 -23.02 10.09 -7.12
CA SER A 129 -24.18 10.34 -7.97
C SER A 129 -23.77 10.80 -9.36
N GLY A 130 -22.60 10.37 -9.83
CA GLY A 130 -22.14 10.77 -11.14
C GLY A 130 -21.49 9.64 -11.89
N PHE A 131 -20.25 9.87 -12.32
CA PHE A 131 -19.38 8.86 -12.89
C PHE A 131 -19.85 8.36 -14.23
N ASN A 132 -20.73 9.10 -14.90
CA ASN A 132 -21.08 8.77 -16.26
C ASN A 132 -19.86 8.98 -17.15
N GLY A 133 -19.95 8.51 -18.38
CA GLY A 133 -18.84 8.74 -19.29
C GLY A 133 -17.57 7.99 -18.96
N GLY A 134 -17.66 6.90 -18.18
CA GLY A 134 -16.51 6.05 -17.99
C GLY A 134 -16.27 5.62 -16.56
N PHE A 135 -15.43 4.60 -16.39
CA PHE A 135 -14.98 4.09 -15.10
C PHE A 135 -14.00 2.96 -15.39
N GLY A 136 -13.26 2.57 -14.36
CA GLY A 136 -12.46 1.37 -14.42
C GLY A 136 -11.09 1.58 -15.04
N SER A 137 -10.29 0.52 -14.97
CA SER A 137 -8.93 0.57 -15.46
C SER A 137 -8.88 0.40 -16.97
N SER A 138 -7.69 0.53 -17.53
CA SER A 138 -7.45 0.30 -18.95
C SER A 138 -5.96 0.12 -19.14
N MET A 139 -5.57 -1.03 -19.66
CA MET A 139 -4.18 -1.41 -19.75
C MET A 139 -3.86 -2.01 -21.10
N ASP A 140 -2.77 -1.55 -21.68
CA ASP A 140 -2.25 -2.06 -22.95
C ASP A 140 -0.83 -2.53 -22.66
N SER A 141 -0.65 -3.83 -22.52
CA SER A 141 0.65 -4.39 -22.20
C SER A 141 1.26 -5.00 -23.44
N LYS A 142 2.55 -4.75 -23.64
CA LYS A 142 3.32 -5.36 -24.72
C LYS A 142 4.65 -5.82 -24.13
N SER A 143 4.77 -7.12 -23.91
CA SER A 143 5.99 -7.70 -23.36
C SER A 143 6.62 -8.61 -24.40
N SER A 144 7.91 -8.43 -24.62
CA SER A 144 8.61 -9.19 -25.65
C SER A 144 9.94 -9.69 -25.09
N GLY A 145 10.07 -11.00 -24.96
CA GLY A 145 11.37 -11.56 -24.66
C GLY A 145 12.18 -11.65 -25.93
N TRP A 146 13.37 -11.06 -25.93
CA TRP A 146 14.28 -11.12 -27.08
C TRP A 146 13.71 -10.44 -28.31
N GLY A 147 12.52 -9.85 -28.19
CA GLY A 147 11.78 -9.34 -29.32
C GLY A 147 11.52 -7.85 -29.23
N MET A 148 10.90 -7.34 -30.28
CA MET A 148 10.67 -5.90 -30.43
C MET A 148 9.74 -5.38 -29.33
N PHE B 10 32.37 -5.75 -23.05
CA PHE B 10 31.64 -5.04 -22.01
C PHE B 10 30.36 -5.77 -21.61
N GLY B 11 30.51 -7.05 -21.26
CA GLY B 11 29.39 -7.85 -20.81
C GLY B 11 29.35 -7.99 -19.30
N GLY B 12 29.41 -9.22 -18.80
CA GLY B 12 29.42 -9.42 -17.36
C GLY B 12 29.47 -10.90 -17.01
N ASN B 13 29.68 -11.14 -15.72
CA ASN B 13 29.71 -12.49 -15.14
C ASN B 13 29.48 -12.40 -13.65
N PRO B 14 28.31 -11.94 -13.21
CA PRO B 14 28.08 -11.73 -11.77
C PRO B 14 27.74 -13.04 -11.07
N GLY B 15 28.66 -13.52 -10.24
CA GLY B 15 28.47 -14.77 -9.55
C GLY B 15 29.48 -15.00 -8.45
N GLY B 16 29.96 -16.23 -8.32
CA GLY B 16 30.99 -16.52 -7.34
C GLY B 16 30.53 -16.35 -5.92
N PHE B 17 29.64 -17.22 -5.46
CA PHE B 17 29.08 -17.17 -4.12
C PHE B 17 29.40 -18.46 -3.39
N GLY B 18 29.81 -18.33 -2.13
CA GLY B 18 30.03 -19.51 -1.33
C GLY B 18 29.47 -19.42 0.07
N ASN B 19 28.72 -20.45 0.48
CA ASN B 19 28.23 -20.56 1.84
C ASN B 19 28.67 -21.89 2.41
N GLN B 20 28.81 -21.95 3.73
CA GLN B 20 29.31 -23.16 4.38
C GLN B 20 28.38 -23.65 5.48
N GLY B 21 27.67 -22.74 6.12
CA GLY B 21 26.74 -23.08 7.17
C GLY B 21 25.37 -23.39 6.63
N GLY B 22 24.38 -23.30 7.51
CA GLY B 22 23.01 -23.49 7.10
C GLY B 22 22.55 -22.40 6.16
N PHE B 23 21.36 -22.61 5.59
CA PHE B 23 20.80 -21.65 4.64
C PHE B 23 19.29 -21.72 4.70
N GLY B 24 18.68 -20.74 5.35
CA GLY B 24 17.22 -20.69 5.46
C GLY B 24 16.62 -21.90 6.13
N ASN B 25 17.39 -22.56 7.00
CA ASN B 25 16.93 -23.78 7.66
C ASN B 25 16.29 -23.41 8.99
N SER B 26 14.97 -23.34 9.01
CA SER B 26 14.23 -23.03 10.23
C SER B 26 14.14 -24.29 11.08
N ARG B 27 15.25 -24.59 11.75
CA ARG B 27 15.36 -25.77 12.61
C ARG B 27 14.77 -25.42 13.97
N GLY B 28 13.47 -25.64 14.12
CA GLY B 28 12.85 -25.43 15.41
C GLY B 28 12.99 -26.64 16.29
N GLY B 29 13.95 -26.60 17.22
CA GLY B 29 14.25 -27.72 18.08
C GLY B 29 14.08 -27.39 19.55
N GLY B 30 14.34 -28.39 20.37
CA GLY B 30 14.23 -28.24 21.81
C GLY B 30 12.80 -28.27 22.30
N ALA B 31 12.62 -27.83 23.55
CA ALA B 31 11.30 -27.78 24.16
C ALA B 31 10.45 -26.65 23.59
N GLY B 32 11.06 -25.67 22.94
CA GLY B 32 10.32 -24.57 22.35
C GLY B 32 9.33 -25.01 21.30
N LEU B 33 8.10 -24.48 21.39
CA LEU B 33 6.90 -24.85 20.62
C LEU B 33 6.29 -26.14 21.14
N GLY B 34 6.74 -26.65 22.28
CA GLY B 34 6.39 -27.98 22.74
C GLY B 34 4.95 -28.17 23.14
N ASN B 35 4.15 -27.11 23.17
CA ASN B 35 2.74 -27.26 23.53
C ASN B 35 1.97 -26.09 22.94
N ASN B 36 1.19 -26.36 21.90
CA ASN B 36 0.35 -25.37 21.25
C ASN B 36 -1.10 -25.59 21.66
N GLN B 37 -1.77 -24.52 22.08
CA GLN B 37 -3.19 -24.57 22.41
C GLN B 37 -3.86 -23.44 21.63
N GLY B 38 -4.37 -23.77 20.45
CA GLY B 38 -5.00 -22.79 19.59
C GLY B 38 -6.52 -22.94 19.64
N SER B 39 -7.19 -21.82 19.87
CA SER B 39 -8.64 -21.78 19.89
C SER B 39 -9.14 -20.61 19.07
N ASN B 40 -10.19 -20.86 18.30
CA ASN B 40 -10.83 -19.81 17.52
C ASN B 40 -12.32 -19.81 17.83
N MET B 41 -12.94 -18.65 17.61
CA MET B 41 -14.38 -18.51 17.76
C MET B 41 -14.84 -17.38 16.87
N GLY B 42 -16.10 -17.44 16.46
CA GLY B 42 -16.57 -16.44 15.53
C GLY B 42 -15.80 -16.53 14.22
N GLY B 43 -15.77 -15.40 13.52
CA GLY B 43 -14.97 -15.30 12.31
C GLY B 43 -13.49 -15.23 12.62
N GLY B 44 -12.72 -14.63 11.72
CA GLY B 44 -11.33 -14.38 12.00
C GLY B 44 -10.49 -15.64 12.09
N MET B 45 -9.22 -15.47 12.40
CA MET B 45 -8.27 -16.55 12.43
C MET B 45 -7.42 -16.54 13.67
N ASN B 46 -6.98 -17.73 14.06
CA ASN B 46 -5.97 -17.88 15.09
C ASN B 46 -4.84 -18.73 14.52
N PHE B 47 -3.61 -18.38 14.85
CA PHE B 47 -2.44 -19.11 14.38
C PHE B 47 -1.58 -19.51 15.57
N GLY B 48 -0.53 -20.27 15.29
CA GLY B 48 0.33 -20.73 16.36
C GLY B 48 1.67 -20.03 16.49
N ALA B 49 2.36 -19.84 15.37
CA ALA B 49 3.70 -19.27 15.34
C ALA B 49 4.11 -19.15 13.88
N PHE B 50 5.12 -18.32 13.63
CA PHE B 50 5.61 -18.10 12.28
C PHE B 50 7.12 -18.07 12.27
N SER B 51 7.72 -18.93 11.45
CA SER B 51 9.16 -18.89 11.20
C SER B 51 9.33 -18.82 9.69
N ILE B 52 9.58 -17.62 9.17
CA ILE B 52 9.67 -17.37 7.75
C ILE B 52 11.08 -16.90 7.46
N ASN B 53 11.89 -17.73 6.81
CA ASN B 53 13.28 -17.39 6.56
C ASN B 53 13.67 -17.59 5.09
N PRO B 54 13.06 -16.82 4.18
CA PRO B 54 13.36 -17.01 2.76
C PRO B 54 14.75 -16.54 2.37
N ALA B 55 15.77 -17.22 2.89
CA ALA B 55 17.13 -16.94 2.44
C ALA B 55 17.27 -17.31 0.98
N MET B 56 18.10 -16.55 0.26
CA MET B 56 18.22 -16.85 -1.16
C MET B 56 19.57 -16.39 -1.69
N MET B 57 19.93 -16.95 -2.85
CA MET B 57 21.19 -16.65 -3.51
C MET B 57 20.83 -16.23 -4.93
N ALA B 58 20.89 -14.94 -5.22
CA ALA B 58 20.35 -14.40 -6.46
C ALA B 58 21.43 -13.67 -7.24
N ALA B 59 21.50 -13.96 -8.54
CA ALA B 59 22.38 -13.24 -9.43
C ALA B 59 21.62 -12.86 -10.69
N ALA B 60 22.02 -11.75 -11.29
CA ALA B 60 21.44 -11.28 -12.54
C ALA B 60 22.41 -10.30 -13.16
N GLN B 61 22.10 -9.88 -14.38
CA GLN B 61 22.90 -8.87 -15.05
C GLN B 61 22.15 -7.59 -15.30
N ALA B 62 20.82 -7.60 -15.17
CA ALA B 62 20.04 -6.37 -15.21
C ALA B 62 18.83 -6.61 -14.31
N ALA B 63 18.95 -6.20 -13.04
CA ALA B 63 17.85 -6.29 -12.10
C ALA B 63 17.07 -4.99 -12.23
N LEU B 64 16.13 -4.96 -13.17
CA LEU B 64 15.48 -3.73 -13.57
C LEU B 64 14.05 -3.76 -13.06
N GLN B 65 13.72 -2.81 -12.17
CA GLN B 65 12.40 -2.69 -11.60
C GLN B 65 11.94 -3.98 -10.93
N SER B 66 12.86 -4.70 -10.31
CA SER B 66 12.54 -5.98 -9.68
C SER B 66 12.48 -5.83 -8.16
N SER B 67 11.95 -6.86 -7.52
CA SER B 67 11.97 -6.95 -6.07
C SER B 67 12.46 -8.33 -5.69
N TRP B 68 13.40 -8.40 -4.75
CA TRP B 68 14.04 -9.66 -4.45
C TRP B 68 13.84 -10.14 -3.02
N GLY B 69 13.14 -9.38 -2.18
CA GLY B 69 12.83 -9.85 -0.85
C GLY B 69 11.35 -10.08 -0.64
N MET B 70 10.70 -9.13 0.01
CA MET B 70 9.25 -9.12 0.12
C MET B 70 8.73 -7.81 -0.47
N MET B 71 7.44 -7.79 -0.78
CA MET B 71 6.89 -6.55 -1.31
C MET B 71 5.76 -5.93 -0.49
N GLY B 72 4.69 -6.68 -0.29
CA GLY B 72 3.44 -5.98 -0.03
C GLY B 72 3.12 -5.54 1.38
N MET B 73 2.91 -6.48 2.29
CA MET B 73 2.31 -6.18 3.59
C MET B 73 2.66 -7.32 4.52
N LEU B 74 3.37 -7.03 5.60
CA LEU B 74 3.80 -8.09 6.51
C LEU B 74 2.84 -8.24 7.69
N ALA B 75 2.62 -7.17 8.43
CA ALA B 75 1.63 -7.17 9.51
C ALA B 75 0.93 -5.82 9.43
N SER B 76 -0.25 -5.81 8.85
CA SER B 76 -0.86 -4.53 8.54
C SER B 76 -2.36 -4.60 8.61
N GLN B 77 -2.97 -3.58 9.19
CA GLN B 77 -4.41 -3.47 9.30
C GLN B 77 -4.84 -2.35 8.37
N GLN B 78 -4.96 -2.69 7.09
CA GLN B 78 -5.40 -1.73 6.08
C GLN B 78 -6.89 -1.95 5.83
N ASN B 79 -7.66 -1.99 6.91
CA ASN B 79 -9.06 -2.36 6.77
C ASN B 79 -9.90 -1.11 6.53
N GLN B 80 -11.01 -1.29 5.83
CA GLN B 80 -11.77 -0.18 5.27
C GLN B 80 -13.22 -0.26 5.71
N SER B 81 -13.78 0.90 6.05
CA SER B 81 -15.16 0.99 6.48
C SER B 81 -15.86 2.13 5.73
N GLY B 82 -17.08 1.87 5.29
CA GLY B 82 -17.83 2.86 4.56
C GLY B 82 -18.55 3.81 5.49
N PRO B 83 -19.50 4.57 4.95
CA PRO B 83 -20.17 5.60 5.74
C PRO B 83 -20.88 5.01 6.95
N SER B 84 -20.91 5.78 8.03
CA SER B 84 -21.63 5.40 9.23
C SER B 84 -22.63 6.44 9.71
N GLY B 85 -22.65 7.62 9.10
CA GLY B 85 -23.56 8.65 9.51
C GLY B 85 -24.94 8.46 8.91
N ASN B 86 -25.82 9.40 9.24
CA ASN B 86 -27.22 9.34 8.84
C ASN B 86 -27.51 10.39 7.79
N ASN B 87 -28.22 10.00 6.74
CA ASN B 87 -28.64 10.91 5.69
C ASN B 87 -30.14 11.11 5.80
N GLN B 88 -30.55 12.26 6.31
CA GLN B 88 -31.96 12.58 6.49
C GLN B 88 -32.41 13.53 5.38
N ASN B 89 -33.52 13.19 4.73
CA ASN B 89 -34.07 14.01 3.66
C ASN B 89 -35.59 14.09 3.87
N GLN B 90 -36.03 15.09 4.63
CA GLN B 90 -37.43 15.26 5.00
C GLN B 90 -38.13 16.35 4.22
N GLY B 91 -37.85 16.48 2.93
CA GLY B 91 -38.65 17.35 2.10
C GLY B 91 -37.87 18.18 1.10
N ASN B 92 -38.34 18.21 -0.14
CA ASN B 92 -37.77 19.09 -1.16
C ASN B 92 -38.91 19.49 -2.09
N MET B 93 -39.53 20.63 -1.81
CA MET B 93 -40.64 21.11 -2.63
C MET B 93 -40.16 21.58 -3.99
N GLN B 94 -40.32 20.74 -5.00
CA GLN B 94 -40.03 21.11 -6.39
C GLN B 94 -41.33 21.15 -7.16
N ARG B 95 -41.55 22.22 -7.90
CA ARG B 95 -42.76 22.33 -8.72
C ARG B 95 -42.55 21.71 -10.09
N GLU B 96 -41.53 22.16 -10.83
CA GLU B 96 -41.31 21.72 -12.20
C GLU B 96 -39.86 21.88 -12.57
N PRO B 97 -39.08 20.81 -12.51
CA PRO B 97 -37.77 20.80 -13.19
C PRO B 97 -37.96 20.55 -14.68
N ASN B 98 -36.86 20.71 -15.42
CA ASN B 98 -36.91 20.55 -16.87
C ASN B 98 -35.50 20.32 -17.38
N GLN B 99 -35.30 19.21 -18.11
CA GLN B 99 -34.00 18.84 -18.65
C GLN B 99 -32.92 18.81 -17.57
N ALA B 100 -33.33 18.58 -16.33
CA ALA B 100 -32.40 18.63 -15.21
C ALA B 100 -31.49 17.41 -15.21
N PHE B 101 -30.31 17.55 -15.81
CA PHE B 101 -29.37 16.43 -15.83
C PHE B 101 -28.92 16.06 -14.43
N GLY B 102 -28.46 17.05 -13.65
CA GLY B 102 -28.21 16.83 -12.24
C GLY B 102 -28.87 17.88 -11.36
N SER B 103 -29.88 17.47 -10.61
CA SER B 103 -30.51 18.41 -9.70
C SER B 103 -31.13 17.67 -8.52
N GLY B 104 -31.29 18.40 -7.42
CA GLY B 104 -31.98 17.89 -6.26
C GLY B 104 -31.38 16.64 -5.65
N ASN B 105 -30.11 16.37 -5.93
CA ASN B 105 -29.49 15.10 -5.56
C ASN B 105 -28.84 15.22 -4.19
N ASN B 106 -29.48 14.66 -3.17
CA ASN B 106 -28.82 14.45 -1.90
C ASN B 106 -28.00 13.17 -1.99
N SER B 107 -26.69 13.29 -1.76
CA SER B 107 -25.81 12.14 -1.91
C SER B 107 -24.88 12.05 -0.71
N TYR B 108 -25.06 11.03 0.10
CA TYR B 108 -24.16 10.70 1.20
C TYR B 108 -23.26 9.58 0.72
N SER B 109 -22.02 9.90 0.38
CA SER B 109 -21.17 8.94 -0.31
C SER B 109 -19.82 8.81 0.38
N GLY B 110 -19.30 7.58 0.38
CA GLY B 110 -17.98 7.34 0.90
C GLY B 110 -17.18 6.44 -0.01
N SER B 111 -15.88 6.69 -0.13
CA SER B 111 -15.05 5.90 -1.03
C SER B 111 -13.67 5.73 -0.44
N ASN B 112 -13.17 4.50 -0.46
CA ASN B 112 -11.87 4.17 0.10
C ASN B 112 -11.06 3.38 -0.92
N SER B 113 -9.74 3.53 -0.85
CA SER B 113 -8.84 2.80 -1.71
C SER B 113 -7.67 2.27 -0.90
N GLY B 114 -7.05 1.22 -1.40
CA GLY B 114 -5.97 0.60 -0.70
C GLY B 114 -4.63 1.24 -0.98
N ALA B 115 -3.63 0.77 -0.26
CA ALA B 115 -2.27 1.28 -0.48
C ALA B 115 -1.76 0.82 -1.83
N ALA B 116 -1.24 1.75 -2.61
CA ALA B 116 -0.65 1.43 -3.90
C ALA B 116 0.84 1.18 -3.68
N ILE B 117 1.22 -0.09 -3.67
CA ILE B 117 2.59 -0.49 -3.36
C ILE B 117 3.21 -1.11 -4.60
N GLY B 118 4.44 -0.74 -4.87
CA GLY B 118 5.17 -1.29 -6.00
C GLY B 118 5.26 -0.31 -7.15
N TRP B 119 5.85 -0.81 -8.23
CA TRP B 119 6.06 0.00 -9.42
C TRP B 119 4.73 0.32 -10.07
N GLY B 120 4.61 1.55 -10.56
CA GLY B 120 3.48 1.95 -11.38
C GLY B 120 2.12 1.54 -10.85
N SER B 121 1.96 1.47 -9.54
CA SER B 121 0.64 1.20 -9.00
C SER B 121 -0.14 2.51 -8.91
N ALA B 122 -1.38 2.40 -8.43
CA ALA B 122 -2.25 3.56 -8.36
C ALA B 122 -3.47 3.22 -7.52
N SER B 123 -3.88 4.15 -6.68
CA SER B 123 -5.11 4.01 -5.90
C SER B 123 -5.91 5.29 -6.07
N ASN B 124 -7.01 5.21 -6.80
CA ASN B 124 -7.85 6.36 -7.07
C ASN B 124 -9.14 6.21 -6.27
N ALA B 125 -9.56 7.28 -5.61
CA ALA B 125 -10.76 7.23 -4.80
C ALA B 125 -11.56 8.51 -5.03
N GLY B 126 -12.66 8.40 -5.74
CA GLY B 126 -13.53 9.53 -6.02
C GLY B 126 -14.85 9.38 -5.30
N SER B 127 -15.32 10.48 -4.70
CA SER B 127 -16.61 10.43 -4.04
C SER B 127 -17.29 11.78 -4.16
N GLY B 128 -18.59 11.74 -4.42
CA GLY B 128 -19.34 12.97 -4.44
C GLY B 128 -20.47 13.03 -5.45
N SER B 129 -20.49 14.09 -6.27
CA SER B 129 -21.62 14.33 -7.15
C SER B 129 -21.17 14.77 -8.53
N GLY B 130 -20.00 14.34 -8.98
CA GLY B 130 -19.51 14.71 -10.28
C GLY B 130 -18.84 13.56 -11.00
N PHE B 131 -17.59 13.78 -11.41
CA PHE B 131 -16.71 12.75 -11.94
C PHE B 131 -17.17 12.23 -13.29
N ASN B 132 -18.02 12.97 -13.98
CA ASN B 132 -18.34 12.63 -15.35
C ASN B 132 -17.09 12.81 -16.21
N GLY B 133 -17.17 12.34 -17.44
CA GLY B 133 -16.04 12.54 -18.32
C GLY B 133 -14.78 11.78 -17.95
N GLY B 134 -14.90 10.71 -17.17
CA GLY B 134 -13.76 9.83 -16.93
C GLY B 134 -13.55 9.43 -15.49
N PHE B 135 -12.73 8.41 -15.29
CA PHE B 135 -12.31 7.90 -13.99
C PHE B 135 -11.33 6.77 -14.23
N GLY B 136 -10.62 6.38 -13.19
CA GLY B 136 -9.83 5.17 -13.21
C GLY B 136 -8.45 5.36 -13.80
N SER B 137 -7.66 4.30 -13.71
CA SER B 137 -6.28 4.33 -14.16
C SER B 137 -6.21 4.14 -15.66
N SER B 138 -5.00 4.26 -16.19
CA SER B 138 -4.74 4.01 -17.61
C SER B 138 -3.24 3.81 -17.77
N MET B 139 -2.85 2.65 -18.25
CA MET B 139 -1.46 2.25 -18.30
C MET B 139 -1.12 1.63 -19.65
N ASP B 140 -0.01 2.08 -20.21
CA ASP B 140 0.54 1.54 -21.45
C ASP B 140 1.95 1.07 -21.13
N SER B 141 2.11 -0.23 -20.98
CA SER B 141 3.39 -0.81 -20.61
C SER B 141 4.03 -1.44 -21.83
N LYS B 142 5.33 -1.20 -22.00
CA LYS B 142 6.11 -1.84 -23.05
C LYS B 142 7.41 -2.29 -22.43
N SER B 143 7.53 -3.59 -22.20
CA SER B 143 8.73 -4.16 -21.61
C SER B 143 9.37 -5.10 -22.62
N SER B 144 10.68 -4.94 -22.80
CA SER B 144 11.39 -5.73 -23.81
C SER B 144 12.70 -6.22 -23.21
N GLY B 145 12.82 -7.53 -23.07
CA GLY B 145 14.10 -8.10 -22.73
C GLY B 145 14.94 -8.20 -23.98
N TRP B 146 16.14 -7.62 -23.96
CA TRP B 146 17.09 -7.71 -25.08
C TRP B 146 16.53 -7.04 -26.33
N GLY B 147 15.35 -6.45 -26.24
CA GLY B 147 14.64 -5.95 -27.40
C GLY B 147 14.39 -4.45 -27.34
N MET B 148 13.80 -3.95 -28.41
CA MET B 148 13.60 -2.51 -28.58
C MET B 148 12.64 -1.96 -27.51
N PHE C 10 35.12 -2.48 -20.67
CA PHE C 10 34.37 -1.75 -19.66
C PHE C 10 33.07 -2.46 -19.27
N GLY C 11 33.20 -3.73 -18.90
CA GLY C 11 32.07 -4.52 -18.47
C GLY C 11 31.99 -4.65 -16.96
N GLY C 12 32.03 -5.86 -16.44
CA GLY C 12 32.00 -6.05 -15.00
C GLY C 12 32.02 -7.51 -14.63
N ASN C 13 32.20 -7.75 -13.33
CA ASN C 13 32.20 -9.08 -12.75
C ASN C 13 31.93 -8.97 -11.25
N PRO C 14 30.76 -8.49 -10.84
CA PRO C 14 30.50 -8.26 -9.41
C PRO C 14 30.13 -9.55 -8.70
N GLY C 15 31.04 -10.03 -7.85
CA GLY C 15 30.81 -11.28 -7.15
C GLY C 15 31.79 -11.51 -6.01
N GLY C 16 32.26 -12.74 -5.86
CA GLY C 16 33.26 -13.02 -4.85
C GLY C 16 32.77 -12.82 -3.44
N PHE C 17 31.86 -13.68 -3.01
CA PHE C 17 31.26 -13.60 -1.67
C PHE C 17 31.57 -14.89 -0.92
N GLY C 18 31.93 -14.75 0.35
CA GLY C 18 32.14 -15.92 1.17
C GLY C 18 31.53 -15.80 2.56
N ASN C 19 30.76 -16.82 2.97
CA ASN C 19 30.24 -16.90 4.31
C ASN C 19 30.66 -18.23 4.91
N GLN C 20 30.77 -18.28 6.24
CA GLN C 20 31.23 -19.48 6.91
C GLN C 20 30.28 -19.95 7.99
N GLY C 21 29.56 -19.02 8.61
CA GLY C 21 28.61 -19.35 9.65
C GLY C 21 27.25 -19.65 9.08
N GLY C 22 26.23 -19.53 9.93
CA GLY C 22 24.88 -19.73 9.49
C GLY C 22 24.44 -18.64 8.52
N PHE C 23 23.26 -18.85 7.92
CA PHE C 23 22.75 -17.90 6.94
C PHE C 23 21.23 -17.95 6.97
N GLY C 24 20.61 -16.95 7.59
CA GLY C 24 19.16 -16.90 7.66
C GLY C 24 18.53 -18.09 8.34
N ASN C 25 19.26 -18.74 9.24
CA ASN C 25 18.78 -19.95 9.90
C ASN C 25 18.11 -19.55 11.21
N SER C 26 16.79 -19.48 11.21
CA SER C 26 16.02 -19.14 12.39
C SER C 26 15.91 -20.39 13.26
N ARG C 27 17.00 -20.69 13.96
CA ARG C 27 17.07 -21.85 14.84
C ARG C 27 16.45 -21.48 16.18
N GLY C 28 15.15 -21.69 16.30
CA GLY C 28 14.50 -21.45 17.57
C GLY C 28 14.61 -22.66 18.47
N GLY C 29 15.54 -22.61 19.42
CA GLY C 29 15.81 -23.72 20.30
C GLY C 29 15.60 -23.37 21.76
N GLY C 30 15.83 -24.37 22.61
CA GLY C 30 15.70 -24.20 24.04
C GLY C 30 14.25 -24.20 24.50
N ALA C 31 14.06 -23.74 25.73
CA ALA C 31 12.71 -23.68 26.30
C ALA C 31 11.89 -22.54 25.71
N GLY C 32 12.53 -21.58 25.06
CA GLY C 32 11.81 -20.48 24.44
C GLY C 32 10.84 -20.92 23.37
N LEU C 33 9.62 -20.38 23.42
CA LEU C 33 8.43 -20.75 22.62
C LEU C 33 7.80 -22.03 23.15
N GLY C 34 8.22 -22.53 24.30
CA GLY C 34 7.84 -23.86 24.78
C GLY C 34 6.39 -24.03 25.15
N ASN C 35 5.60 -22.95 25.14
CA ASN C 35 4.18 -23.08 25.47
C ASN C 35 3.43 -21.92 24.85
N ASN C 36 2.68 -22.19 23.78
CA ASN C 36 1.87 -21.20 23.11
C ASN C 36 0.40 -21.41 23.48
N GLN C 37 -0.27 -20.33 23.88
CA GLN C 37 -1.70 -20.36 24.17
C GLN C 37 -2.33 -19.24 23.35
N GLY C 38 -2.82 -19.58 22.17
CA GLY C 38 -3.42 -18.61 21.28
C GLY C 38 -4.94 -18.73 21.30
N SER C 39 -5.60 -17.61 21.50
CA SER C 39 -7.06 -17.57 21.48
C SER C 39 -7.52 -16.39 20.63
N ASN C 40 -8.56 -16.65 19.84
CA ASN C 40 -9.17 -15.60 19.03
C ASN C 40 -10.67 -15.58 19.31
N MET C 41 -11.28 -14.42 19.06
CA MET C 41 -12.71 -14.27 19.17
C MET C 41 -13.15 -13.14 18.25
N GLY C 42 -14.40 -13.19 17.82
CA GLY C 42 -14.84 -12.20 16.87
C GLY C 42 -14.04 -12.32 15.57
N GLY C 43 -13.98 -11.21 14.85
CA GLY C 43 -13.15 -11.14 13.66
C GLY C 43 -11.68 -11.06 14.01
N GLY C 44 -10.88 -10.50 13.12
CA GLY C 44 -9.49 -10.24 13.44
C GLY C 44 -8.67 -11.52 13.55
N MET C 45 -7.40 -11.34 13.89
CA MET C 45 -6.46 -12.44 13.96
C MET C 45 -5.63 -12.41 15.22
N ASN C 46 -5.22 -13.59 15.64
CA ASN C 46 -4.24 -13.75 16.69
C ASN C 46 -3.11 -14.62 16.17
N PHE C 47 -1.88 -14.28 16.53
CA PHE C 47 -0.70 -15.02 16.09
C PHE C 47 0.12 -15.40 17.30
N GLY C 48 1.18 -16.18 17.06
CA GLY C 48 2.00 -16.63 18.15
C GLY C 48 3.34 -15.95 18.31
N ALA C 49 4.06 -15.77 17.20
CA ALA C 49 5.41 -15.22 17.20
C ALA C 49 5.86 -15.12 15.75
N PHE C 50 6.88 -14.31 15.51
CA PHE C 50 7.40 -14.10 14.17
C PHE C 50 8.92 -14.09 14.20
N SER C 51 9.53 -14.97 13.41
CA SER C 51 10.97 -14.94 13.18
C SER C 51 11.18 -14.90 11.68
N ILE C 52 11.45 -13.71 11.16
CA ILE C 52 11.58 -13.47 9.72
C ILE C 52 13.00 -13.03 9.47
N ASN C 53 13.81 -13.87 8.85
CA ASN C 53 15.22 -13.54 8.62
C ASN C 53 15.63 -13.76 7.17
N PRO C 54 15.06 -13.01 6.23
CA PRO C 54 15.38 -13.22 4.83
C PRO C 54 16.78 -12.77 4.47
N ALA C 55 17.79 -13.44 5.01
CA ALA C 55 19.16 -13.18 4.61
C ALA C 55 19.34 -13.57 3.14
N MET C 56 20.18 -12.83 2.43
CA MET C 56 20.34 -13.15 1.02
C MET C 56 21.71 -12.72 0.53
N MET C 57 22.09 -13.28 -0.62
CA MET C 57 23.37 -13.01 -1.26
C MET C 57 23.05 -12.61 -2.70
N ALA C 58 23.12 -11.32 -2.99
CA ALA C 58 22.62 -10.80 -4.25
C ALA C 58 23.73 -10.08 -5.02
N ALA C 59 23.83 -10.40 -6.31
CA ALA C 59 24.74 -9.68 -7.20
C ALA C 59 24.00 -9.32 -8.48
N ALA C 60 24.44 -8.22 -9.08
CA ALA C 60 23.89 -7.77 -10.35
C ALA C 60 24.87 -6.80 -10.96
N GLN C 61 24.61 -6.41 -12.19
CA GLN C 61 25.42 -5.40 -12.85
C GLN C 61 24.69 -4.12 -13.14
N ALA C 62 23.36 -4.10 -13.04
CA ALA C 62 22.60 -2.88 -13.11
C ALA C 62 21.36 -3.10 -12.24
N ALA C 63 21.46 -2.67 -10.98
CA ALA C 63 20.32 -2.73 -10.07
C ALA C 63 19.57 -1.43 -10.24
N LEU C 64 18.66 -1.41 -11.19
CA LEU C 64 18.02 -0.18 -11.63
C LEU C 64 16.57 -0.18 -11.15
N GLN C 65 16.24 0.77 -10.29
CA GLN C 65 14.90 0.91 -9.73
C GLN C 65 14.42 -0.37 -9.08
N SER C 66 15.32 -1.08 -8.41
CA SER C 66 14.97 -2.35 -7.77
C SER C 66 14.87 -2.18 -6.27
N SER C 67 14.32 -3.19 -5.62
CA SER C 67 14.31 -3.27 -4.17
C SER C 67 14.78 -4.64 -3.77
N TRP C 68 15.68 -4.70 -2.80
CA TRP C 68 16.31 -5.97 -2.46
C TRP C 68 16.07 -6.43 -1.03
N GLY C 69 15.36 -5.65 -0.22
CA GLY C 69 15.02 -6.10 1.11
C GLY C 69 13.53 -6.31 1.28
N MET C 70 12.86 -5.35 1.91
CA MET C 70 11.41 -5.32 1.99
C MET C 70 10.92 -4.03 1.36
N MET C 71 9.64 -3.99 1.02
CA MET C 71 9.12 -2.75 0.46
C MET C 71 7.98 -2.12 1.24
N GLY C 72 6.89 -2.85 1.43
CA GLY C 72 5.64 -2.15 1.65
C GLY C 72 5.29 -1.67 3.05
N MET C 73 5.05 -2.61 3.96
CA MET C 73 4.42 -2.28 5.24
C MET C 73 4.74 -3.41 6.20
N LEU C 74 5.43 -3.11 7.29
CA LEU C 74 5.82 -4.16 8.23
C LEU C 74 4.83 -4.29 9.38
N ALA C 75 4.61 -3.20 10.11
CA ALA C 75 3.58 -3.18 11.15
C ALA C 75 2.90 -1.83 11.05
N SER C 76 1.73 -1.82 10.43
CA SER C 76 1.15 -0.53 10.10
C SER C 76 -0.36 -0.60 10.13
N GLN C 77 -0.97 0.44 10.68
CA GLN C 77 -2.41 0.57 10.76
C GLN C 77 -2.82 1.67 9.79
N GLN C 78 -2.89 1.33 8.51
CA GLN C 78 -3.30 2.27 7.49
C GLN C 78 -4.79 2.06 7.21
N ASN C 79 -5.59 2.04 8.26
CA ASN C 79 -6.99 1.69 8.09
C ASN C 79 -7.80 2.94 7.82
N GLN C 80 -8.90 2.76 7.09
CA GLN C 80 -9.63 3.86 6.50
C GLN C 80 -11.09 3.81 6.91
N SER C 81 -11.65 4.98 7.21
CA SER C 81 -13.05 5.09 7.61
C SER C 81 -13.71 6.21 6.83
N GLY C 82 -14.93 5.97 6.36
CA GLY C 82 -15.67 6.94 5.61
C GLY C 82 -16.39 7.91 6.50
N PRO C 83 -17.31 8.69 5.93
CA PRO C 83 -17.99 9.72 6.70
C PRO C 83 -18.73 9.16 7.89
N SER C 84 -18.80 9.95 8.96
CA SER C 84 -19.53 9.59 10.15
C SER C 84 -20.54 10.64 10.59
N GLY C 85 -20.54 11.81 9.95
CA GLY C 85 -21.45 12.86 10.33
C GLY C 85 -22.81 12.67 9.70
N ASN C 86 -23.69 13.63 9.99
CA ASN C 86 -25.08 13.57 9.57
C ASN C 86 -25.34 14.61 8.50
N ASN C 87 -26.03 14.21 7.44
CA ASN C 87 -26.41 15.11 6.35
C ASN C 87 -27.91 15.32 6.43
N GLN C 88 -28.33 16.48 6.91
CA GLN C 88 -29.73 16.83 7.06
C GLN C 88 -30.15 17.76 5.93
N ASN C 89 -31.24 17.41 5.25
CA ASN C 89 -31.77 18.24 4.16
C ASN C 89 -33.28 18.32 4.33
N GLN C 90 -33.73 19.34 5.06
CA GLN C 90 -35.14 19.51 5.39
C GLN C 90 -35.82 20.62 4.59
N GLY C 91 -35.49 20.73 3.30
CA GLY C 91 -36.27 21.59 2.44
C GLY C 91 -35.46 22.39 1.45
N ASN C 92 -35.90 22.42 0.20
CA ASN C 92 -35.30 23.28 -0.82
C ASN C 92 -36.42 23.67 -1.78
N MET C 93 -37.03 24.82 -1.53
CA MET C 93 -38.11 25.31 -2.38
C MET C 93 -37.59 25.75 -3.74
N GLN C 94 -37.74 24.89 -4.75
CA GLN C 94 -37.41 25.25 -6.12
C GLN C 94 -38.71 25.28 -6.93
N ARG C 95 -38.89 26.35 -7.69
CA ARG C 95 -40.07 26.45 -8.53
C ARG C 95 -39.84 25.80 -9.90
N GLU C 96 -38.80 26.25 -10.61
CA GLU C 96 -38.56 25.78 -11.98
C GLU C 96 -37.08 25.92 -12.31
N PRO C 97 -36.31 24.85 -12.22
CA PRO C 97 -35.00 24.82 -12.87
C PRO C 97 -35.15 24.55 -14.36
N ASN C 98 -34.03 24.69 -15.07
CA ASN C 98 -34.05 24.52 -16.53
C ASN C 98 -32.62 24.26 -16.99
N GLN C 99 -32.42 23.14 -17.70
CA GLN C 99 -31.11 22.76 -18.21
C GLN C 99 -30.05 22.73 -17.10
N ALA C 100 -30.50 22.52 -15.86
CA ALA C 100 -29.60 22.57 -14.72
C ALA C 100 -28.70 21.35 -14.68
N PHE C 101 -27.50 21.47 -15.25
CA PHE C 101 -26.58 20.34 -15.24
C PHE C 101 -26.16 19.99 -13.81
N GLY C 102 -25.71 20.98 -13.05
CA GLY C 102 -25.50 20.77 -11.63
C GLY C 102 -26.17 21.83 -10.78
N SER C 103 -27.20 21.45 -10.04
CA SER C 103 -27.85 22.42 -9.17
C SER C 103 -28.50 21.70 -8.00
N GLY C 104 -28.68 22.45 -6.91
CA GLY C 104 -29.40 21.95 -5.75
C GLY C 104 -28.83 20.71 -5.12
N ASN C 105 -27.55 20.42 -5.36
CA ASN C 105 -26.95 19.16 -4.96
C ASN C 105 -26.33 19.30 -3.58
N ASN C 106 -27.00 18.74 -2.57
CA ASN C 106 -26.38 18.55 -1.28
C ASN C 106 -25.57 17.26 -1.33
N SER C 107 -24.27 17.36 -1.07
CA SER C 107 -23.38 16.20 -1.18
C SER C 107 -22.49 16.13 0.04
N TYR C 108 -22.70 15.12 0.86
CA TYR C 108 -21.83 14.80 1.99
C TYR C 108 -20.93 13.66 1.55
N SER C 109 -19.68 13.97 1.23
CA SER C 109 -18.82 13.00 0.58
C SER C 109 -17.49 12.86 1.29
N GLY C 110 -16.98 11.63 1.32
CA GLY C 110 -15.68 11.38 1.88
C GLY C 110 -14.86 10.47 1.00
N SER C 111 -13.55 10.70 0.91
CA SER C 111 -12.72 9.89 0.04
C SER C 111 -11.34 9.71 0.66
N ASN C 112 -10.85 8.48 0.67
CA ASN C 112 -9.57 8.15 1.27
C ASN C 112 -8.74 7.33 0.29
N SER C 113 -7.43 7.47 0.38
CA SER C 113 -6.51 6.72 -0.45
C SER C 113 -5.38 6.20 0.40
N GLY C 114 -4.75 5.14 -0.08
CA GLY C 114 -3.69 4.51 0.66
C GLY C 114 -2.34 5.14 0.41
N ALA C 115 -1.35 4.68 1.15
CA ALA C 115 0.00 5.15 0.97
C ALA C 115 0.54 4.68 -0.36
N ALA C 116 1.09 5.60 -1.14
CA ALA C 116 1.71 5.26 -2.42
C ALA C 116 3.18 4.99 -2.16
N ILE C 117 3.57 3.72 -2.13
CA ILE C 117 4.92 3.31 -1.77
C ILE C 117 5.56 2.67 -2.99
N GLY C 118 6.81 3.04 -3.24
CA GLY C 118 7.56 2.46 -4.33
C GLY C 118 7.69 3.41 -5.50
N TRP C 119 8.29 2.90 -6.56
CA TRP C 119 8.54 3.69 -7.76
C TRP C 119 7.22 4.01 -8.44
N GLY C 120 7.13 5.24 -8.96
CA GLY C 120 6.03 5.63 -9.80
C GLY C 120 4.65 5.25 -9.30
N SER C 121 4.46 5.19 -8.00
CA SER C 121 3.12 4.95 -7.48
C SER C 121 2.33 6.26 -7.44
N ALA C 122 1.10 6.17 -6.98
CA ALA C 122 0.24 7.33 -6.95
C ALA C 122 -1.00 7.02 -6.14
N SER C 123 -1.43 7.97 -5.31
CA SER C 123 -2.67 7.85 -4.57
C SER C 123 -3.46 9.13 -4.76
N ASN C 124 -4.54 9.06 -5.52
CA ASN C 124 -5.37 10.20 -5.82
C ASN C 124 -6.67 10.08 -5.06
N ALA C 125 -7.10 11.16 -4.42
CA ALA C 125 -8.33 11.13 -3.63
C ALA C 125 -9.10 12.41 -3.90
N GLY C 126 -10.19 12.30 -4.64
CA GLY C 126 -11.04 13.44 -4.96
C GLY C 126 -12.37 13.31 -4.27
N SER C 127 -12.85 14.42 -3.70
CA SER C 127 -14.15 14.39 -3.07
C SER C 127 -14.82 15.74 -3.22
N GLY C 128 -16.12 15.71 -3.51
CA GLY C 128 -16.85 16.95 -3.58
C GLY C 128 -17.95 17.00 -4.61
N SER C 129 -17.94 18.05 -5.44
CA SER C 129 -19.05 18.29 -6.35
C SER C 129 -18.57 18.71 -7.74
N GLY C 130 -17.39 18.26 -8.13
CA GLY C 130 -16.86 18.61 -9.43
C GLY C 130 -16.19 17.45 -10.12
N PHE C 131 -14.93 17.65 -10.49
CA PHE C 131 -14.05 16.60 -11.00
C PHE C 131 -14.47 16.07 -12.35
N ASN C 132 -15.31 16.81 -13.07
CA ASN C 132 -15.60 16.45 -14.45
C ASN C 132 -14.33 16.60 -15.27
N GLY C 133 -14.37 16.12 -16.50
CA GLY C 133 -13.23 16.29 -17.37
C GLY C 133 -11.98 15.54 -16.95
N GLY C 134 -12.12 14.48 -16.16
CA GLY C 134 -11.01 13.60 -15.88
C GLY C 134 -10.83 13.21 -14.42
N PHE C 135 -10.02 12.18 -14.19
CA PHE C 135 -9.65 11.69 -12.86
C PHE C 135 -8.67 10.54 -13.08
N GLY C 136 -7.99 10.17 -12.02
CA GLY C 136 -7.20 8.95 -12.00
C GLY C 136 -5.81 9.12 -12.56
N SER C 137 -5.03 8.05 -12.43
CA SER C 137 -3.65 8.06 -12.85
C SER C 137 -3.54 7.85 -14.35
N SER C 138 -2.31 7.95 -14.86
CA SER C 138 -2.02 7.69 -16.25
C SER C 138 -0.53 7.47 -16.37
N MET C 139 -0.13 6.30 -16.84
CA MET C 139 1.26 5.89 -16.85
C MET C 139 1.62 5.24 -18.17
N ASP C 140 2.75 5.68 -18.71
CA ASP C 140 3.32 5.11 -19.94
C ASP C 140 4.72 4.63 -19.58
N SER C 141 4.87 3.33 -19.39
CA SER C 141 6.13 2.76 -18.99
C SER C 141 6.81 2.10 -20.19
N LYS C 142 8.11 2.32 -20.33
CA LYS C 142 8.90 1.68 -21.36
C LYS C 142 10.19 1.21 -20.70
N SER C 143 10.28 -0.09 -20.44
CA SER C 143 11.47 -0.67 -19.82
C SER C 143 12.12 -1.62 -20.80
N SER C 144 13.44 -1.48 -20.96
CA SER C 144 14.16 -2.28 -21.93
C SER C 144 15.46 -2.78 -21.30
N GLY C 145 15.56 -4.09 -21.14
CA GLY C 145 16.83 -4.66 -20.76
C GLY C 145 17.70 -4.80 -21.98
N TRP C 146 18.90 -4.22 -21.95
CA TRP C 146 19.86 -4.33 -23.04
C TRP C 146 19.35 -3.68 -24.32
N GLY C 147 18.16 -3.07 -24.26
CA GLY C 147 17.49 -2.58 -25.44
C GLY C 147 17.27 -1.08 -25.40
N MET C 148 16.70 -0.59 -26.50
CA MET C 148 16.51 0.85 -26.69
C MET C 148 15.54 1.42 -25.66
N PHE D 10 37.83 0.79 -18.27
CA PHE D 10 37.06 1.55 -17.28
C PHE D 10 35.75 0.84 -16.91
N GLY D 11 35.86 -0.42 -16.52
CA GLY D 11 34.70 -1.19 -16.11
C GLY D 11 34.59 -1.29 -14.61
N GLY D 12 34.61 -2.51 -14.07
CA GLY D 12 34.54 -2.67 -12.62
C GLY D 12 34.54 -4.13 -12.23
N ASN D 13 34.68 -4.35 -10.93
CA ASN D 13 34.66 -5.67 -10.32
C ASN D 13 34.36 -5.54 -8.83
N PRO D 14 33.18 -5.05 -8.45
CA PRO D 14 32.88 -4.80 -7.05
C PRO D 14 32.49 -6.08 -6.33
N GLY D 15 33.36 -6.55 -5.45
CA GLY D 15 33.11 -7.78 -4.73
C GLY D 15 34.06 -8.00 -3.57
N GLY D 16 34.52 -9.24 -3.39
CA GLY D 16 35.50 -9.52 -2.36
C GLY D 16 34.97 -9.30 -0.96
N PHE D 17 34.04 -10.14 -0.53
CA PHE D 17 33.41 -10.05 0.78
C PHE D 17 33.68 -11.31 1.56
N GLY D 18 34.02 -11.17 2.84
CA GLY D 18 34.19 -12.33 3.68
C GLY D 18 33.56 -12.18 5.04
N ASN D 19 32.78 -13.18 5.44
CA ASN D 19 32.22 -13.25 6.79
C ASN D 19 32.61 -14.58 7.41
N GLN D 20 32.68 -14.60 8.75
CA GLN D 20 33.12 -15.81 9.44
C GLN D 20 32.13 -16.25 10.50
N GLY D 21 31.41 -15.30 11.10
CA GLY D 21 30.43 -15.60 12.11
C GLY D 21 29.08 -15.90 11.50
N GLY D 22 28.05 -15.76 12.34
CA GLY D 22 26.70 -15.95 11.87
C GLY D 22 26.30 -14.87 10.87
N PHE D 23 25.14 -15.08 10.25
CA PHE D 23 24.66 -14.14 9.25
C PHE D 23 23.13 -14.18 9.24
N GLY D 24 22.50 -13.16 9.83
CA GLY D 24 21.05 -13.09 9.87
C GLY D 24 20.40 -14.27 10.55
N ASN D 25 21.11 -14.92 11.46
CA ASN D 25 20.59 -16.12 12.14
C ASN D 25 19.91 -15.69 13.42
N SER D 26 18.58 -15.61 13.38
CA SER D 26 17.79 -15.24 14.55
C SER D 26 17.64 -16.47 15.43
N ARG D 27 18.71 -16.77 16.16
CA ARG D 27 18.76 -17.93 17.05
C ARG D 27 18.11 -17.53 18.37
N GLY D 28 16.80 -17.73 18.47
CA GLY D 28 16.11 -17.46 19.72
C GLY D 28 16.19 -18.66 20.64
N GLY D 29 17.10 -18.61 21.61
CA GLY D 29 17.34 -19.72 22.52
C GLY D 29 17.10 -19.34 23.97
N GLY D 30 17.31 -20.33 24.83
CA GLY D 30 17.13 -20.13 26.25
C GLY D 30 15.67 -20.13 26.67
N ALA D 31 15.45 -19.65 27.89
CA ALA D 31 14.10 -19.56 28.43
C ALA D 31 13.30 -18.43 27.80
N GLY D 32 13.96 -17.47 27.16
CA GLY D 32 13.28 -16.38 26.50
C GLY D 32 12.32 -16.83 25.42
N LEU D 33 11.10 -16.28 25.43
CA LEU D 33 9.95 -16.65 24.61
C LEU D 33 9.27 -17.91 25.13
N GLY D 34 9.67 -18.40 26.32
CA GLY D 34 9.27 -19.72 26.79
C GLY D 34 7.80 -19.86 27.13
N ASN D 35 7.02 -18.79 27.09
CA ASN D 35 5.60 -18.90 27.39
C ASN D 35 4.87 -17.74 26.72
N ASN D 36 4.14 -18.02 25.65
CA ASN D 36 3.35 -17.03 24.94
C ASN D 36 1.89 -17.22 25.28
N GLN D 37 1.21 -16.13 25.64
CA GLN D 37 -0.22 -16.14 25.91
C GLN D 37 -0.83 -15.03 25.07
N GLY D 38 -1.30 -15.38 23.87
CA GLY D 38 -1.87 -14.41 22.96
C GLY D 38 -3.38 -14.53 22.94
N SER D 39 -4.04 -13.39 23.10
CA SER D 39 -5.50 -13.33 23.05
C SER D 39 -5.93 -12.17 22.17
N ASN D 40 -6.95 -12.42 21.36
CA ASN D 40 -7.53 -11.39 20.52
C ASN D 40 -9.03 -11.35 20.76
N MET D 41 -9.62 -10.19 20.49
CA MET D 41 -11.06 -10.02 20.57
C MET D 41 -11.45 -8.91 19.61
N GLY D 42 -12.70 -8.95 19.15
CA GLY D 42 -13.11 -7.97 18.17
C GLY D 42 -12.28 -8.11 16.90
N GLY D 43 -12.19 -7.01 16.16
CA GLY D 43 -11.33 -6.96 14.99
C GLY D 43 -9.87 -6.90 15.38
N GLY D 44 -9.04 -6.35 14.51
CA GLY D 44 -7.66 -6.10 14.85
C GLY D 44 -6.86 -7.39 15.01
N MET D 45 -5.60 -7.21 15.37
CA MET D 45 -4.66 -8.32 15.48
C MET D 45 -3.86 -8.29 16.77
N ASN D 46 -3.48 -9.47 17.20
CA ASN D 46 -2.52 -9.61 18.28
C ASN D 46 -1.39 -10.50 17.80
N PHE D 47 -0.16 -10.16 18.18
CA PHE D 47 1.02 -10.92 17.78
C PHE D 47 1.81 -11.30 19.02
N GLY D 48 2.86 -12.08 18.81
CA GLY D 48 3.65 -12.53 19.93
C GLY D 48 5.00 -11.85 20.11
N ALA D 49 5.75 -11.70 19.02
CA ALA D 49 7.09 -11.15 19.04
C ALA D 49 7.58 -11.09 17.60
N PHE D 50 8.62 -10.29 17.38
CA PHE D 50 9.17 -10.10 16.04
C PHE D 50 10.69 -10.10 16.10
N SER D 51 11.30 -11.00 15.35
CA SER D 51 12.75 -10.99 15.17
C SER D 51 13.00 -10.97 13.65
N ILE D 52 13.30 -9.79 13.13
CA ILE D 52 13.46 -9.57 11.70
C ILE D 52 14.89 -9.14 11.47
N ASN D 53 15.71 -10.01 10.88
CA ASN D 53 17.13 -9.69 10.68
C ASN D 53 17.57 -9.93 9.24
N PRO D 54 17.03 -9.19 8.29
CA PRO D 54 17.38 -9.42 6.89
C PRO D 54 18.80 -8.99 6.56
N ALA D 55 19.79 -9.67 7.14
CA ALA D 55 21.17 -9.43 6.75
C ALA D 55 21.38 -9.83 5.30
N MET D 56 22.25 -9.11 4.60
CA MET D 56 22.43 -9.45 3.20
C MET D 56 23.82 -9.03 2.74
N MET D 57 24.22 -9.62 1.61
CA MET D 57 25.52 -9.37 1.00
C MET D 57 25.24 -8.98 -0.45
N ALA D 58 25.34 -7.70 -0.77
CA ALA D 58 24.87 -7.19 -2.05
C ALA D 58 25.99 -6.50 -2.80
N ALA D 59 26.12 -6.84 -4.07
CA ALA D 59 27.05 -6.14 -4.95
C ALA D 59 26.36 -5.79 -6.25
N ALA D 60 26.82 -4.70 -6.87
CA ALA D 60 26.31 -4.26 -8.15
C ALA D 60 27.31 -3.30 -8.75
N GLN D 61 27.08 -2.92 -9.99
CA GLN D 61 27.93 -1.95 -10.65
C GLN D 61 27.20 -0.65 -10.96
N ALA D 62 25.88 -0.63 -10.90
CA ALA D 62 25.12 0.61 -11.01
C ALA D 62 23.87 0.41 -10.16
N ALA D 63 23.93 0.86 -8.91
CA ALA D 63 22.79 0.81 -8.02
C ALA D 63 22.05 2.11 -8.22
N LEU D 64 21.15 2.13 -9.20
CA LEU D 64 20.54 3.36 -9.67
C LEU D 64 19.08 3.38 -9.23
N GLN D 65 18.74 4.35 -8.38
CA GLN D 65 17.39 4.51 -7.88
C GLN D 65 16.87 3.25 -7.21
N SER D 66 17.75 2.53 -6.52
CA SER D 66 17.39 1.28 -5.87
C SER D 66 17.25 1.47 -4.36
N SER D 67 16.66 0.47 -3.71
CA SER D 67 16.62 0.41 -2.27
C SER D 67 17.06 -0.97 -1.83
N TRP D 68 17.95 -1.02 -0.85
CA TRP D 68 18.55 -2.28 -0.47
C TRP D 68 18.27 -2.72 0.96
N GLY D 69 17.55 -1.92 1.74
CA GLY D 69 17.17 -2.35 3.07
C GLY D 69 15.68 -2.55 3.21
N MET D 70 15.01 -1.57 3.80
CA MET D 70 13.56 -1.53 3.85
C MET D 70 13.10 -0.24 3.19
N MET D 71 11.82 -0.19 2.81
CA MET D 71 11.32 1.04 2.23
C MET D 71 10.17 1.70 2.97
N GLY D 72 9.07 0.97 3.14
CA GLY D 72 7.83 1.69 3.33
C GLY D 72 7.45 2.19 4.70
N MET D 73 7.18 1.27 5.63
CA MET D 73 6.52 1.62 6.89
C MET D 73 6.80 0.50 7.86
N LEU D 74 7.47 0.81 8.97
CA LEU D 74 7.83 -0.23 9.93
C LEU D 74 6.81 -0.33 11.06
N ALA D 75 6.58 0.76 11.77
CA ALA D 75 5.54 0.81 12.79
C ALA D 75 4.87 2.17 12.65
N SER D 76 3.71 2.18 12.00
CA SER D 76 3.15 3.46 11.64
C SER D 76 1.63 3.41 11.63
N GLN D 77 1.03 4.46 12.16
CA GLN D 77 -0.42 4.61 12.19
C GLN D 77 -0.78 5.70 11.20
N GLN D 78 -0.84 5.34 9.93
CA GLN D 78 -1.22 6.27 8.88
C GLN D 78 -2.69 6.07 8.57
N ASN D 79 -3.52 6.08 9.60
CA ASN D 79 -4.91 5.72 9.41
C ASN D 79 -5.72 6.98 9.10
N GLN D 80 -6.80 6.80 8.35
CA GLN D 80 -7.50 7.91 7.73
C GLN D 80 -8.98 7.88 8.09
N SER D 81 -9.53 9.05 8.37
CA SER D 81 -10.93 9.18 8.73
C SER D 81 -11.57 10.30 7.92
N GLY D 82 -12.78 10.05 7.43
CA GLY D 82 -13.48 11.04 6.64
C GLY D 82 -14.22 12.02 7.51
N PRO D 83 -15.12 12.79 6.90
CA PRO D 83 -15.82 13.85 7.64
C PRO D 83 -16.59 13.30 8.82
N SER D 84 -16.66 14.11 9.88
CA SER D 84 -17.44 13.76 11.05
C SER D 84 -18.43 14.83 11.45
N GLY D 85 -18.42 15.99 10.81
CA GLY D 85 -19.33 17.06 11.15
C GLY D 85 -20.67 16.88 10.49
N ASN D 86 -21.55 17.84 10.74
CA ASN D 86 -22.93 17.79 10.28
C ASN D 86 -23.15 18.82 9.19
N ASN D 87 -23.82 18.41 8.12
CA ASN D 87 -24.16 19.30 7.02
C ASN D 87 -25.66 19.53 7.06
N GLN D 88 -26.08 20.70 7.52
CA GLN D 88 -27.49 21.06 7.62
C GLN D 88 -27.87 21.97 6.46
N ASN D 89 -28.95 21.64 5.77
CA ASN D 89 -29.44 22.44 4.65
C ASN D 89 -30.95 22.54 4.79
N GLN D 90 -31.42 23.57 5.49
CA GLN D 90 -32.83 23.77 5.80
C GLN D 90 -33.47 24.88 4.95
N GLY D 91 -33.13 24.95 3.68
CA GLY D 91 -33.87 25.81 2.78
C GLY D 91 -33.03 26.60 1.80
N ASN D 92 -33.44 26.60 0.54
CA ASN D 92 -32.81 27.45 -0.48
C ASN D 92 -33.89 27.84 -1.47
N MET D 93 -34.50 29.00 -1.26
CA MET D 93 -35.57 29.48 -2.13
C MET D 93 -35.01 29.91 -3.48
N GLN D 94 -35.13 29.03 -4.48
CA GLN D 94 -34.78 29.36 -5.85
C GLN D 94 -36.04 29.39 -6.69
N ARG D 95 -36.20 30.46 -7.47
CA ARG D 95 -37.36 30.56 -8.35
C ARG D 95 -37.09 29.89 -9.70
N GLU D 96 -36.04 30.32 -10.39
CA GLU D 96 -35.77 29.83 -11.75
C GLU D 96 -34.28 29.95 -12.04
N PRO D 97 -33.53 28.87 -11.92
CA PRO D 97 -32.20 28.82 -12.53
C PRO D 97 -32.32 28.53 -14.03
N ASN D 98 -31.18 28.65 -14.72
CA ASN D 98 -31.17 28.46 -16.16
C ASN D 98 -29.74 28.19 -16.60
N GLN D 99 -29.52 27.06 -17.27
CA GLN D 99 -28.20 26.65 -17.75
C GLN D 99 -27.18 26.63 -16.61
N ALA D 100 -27.65 26.44 -15.39
CA ALA D 100 -26.78 26.51 -14.22
C ALA D 100 -25.90 25.27 -14.15
N PHE D 101 -24.68 25.36 -14.69
CA PHE D 101 -23.76 24.23 -14.65
C PHE D 101 -23.38 23.90 -13.20
N GLY D 102 -22.95 24.90 -12.44
CA GLY D 102 -22.77 24.71 -11.01
C GLY D 102 -23.45 25.79 -10.20
N SER D 103 -24.51 25.42 -9.48
CA SER D 103 -25.16 26.41 -8.64
C SER D 103 -25.85 25.71 -7.46
N GLY D 104 -26.05 26.48 -6.39
CA GLY D 104 -26.80 26.00 -5.26
C GLY D 104 -26.25 24.76 -4.59
N ASN D 105 -24.98 24.46 -4.79
CA ASN D 105 -24.40 23.19 -4.36
C ASN D 105 -23.82 23.35 -2.96
N ASN D 106 -24.51 22.81 -1.97
CA ASN D 106 -23.92 22.63 -0.66
C ASN D 106 -23.12 21.33 -0.67
N SER D 107 -21.83 21.43 -0.37
CA SER D 107 -20.95 20.27 -0.45
C SER D 107 -20.09 20.20 0.79
N TYR D 108 -20.33 19.20 1.62
CA TYR D 108 -19.48 18.89 2.76
C TYR D 108 -18.58 17.74 2.36
N SER D 109 -17.32 18.03 2.07
CA SER D 109 -16.46 17.04 1.45
C SER D 109 -15.15 16.90 2.21
N GLY D 110 -14.66 15.67 2.26
CA GLY D 110 -13.36 15.41 2.86
C GLY D 110 -12.53 14.48 2.01
N SER D 111 -11.22 14.70 1.95
CA SER D 111 -10.37 13.87 1.11
C SER D 111 -9.02 13.69 1.77
N ASN D 112 -8.54 12.45 1.80
CA ASN D 112 -7.28 12.12 2.44
C ASN D 112 -6.44 11.28 1.49
N SER D 113 -5.13 11.41 1.62
CA SER D 113 -4.19 10.64 0.81
C SER D 113 -3.08 10.11 1.70
N GLY D 114 -2.46 9.05 1.25
CA GLY D 114 -1.41 8.42 2.03
C GLY D 114 -0.06 9.04 1.79
N ALA D 115 0.91 8.57 2.57
CA ALA D 115 2.28 9.04 2.41
C ALA D 115 2.84 8.53 1.10
N ALA D 116 3.43 9.44 0.32
CA ALA D 116 4.06 9.07 -0.93
C ALA D 116 5.52 8.80 -0.63
N ILE D 117 5.89 7.53 -0.58
CA ILE D 117 7.24 7.11 -0.19
C ILE D 117 7.91 6.45 -1.38
N GLY D 118 9.16 6.80 -1.60
CA GLY D 118 9.92 6.20 -2.67
C GLY D 118 10.10 7.13 -3.85
N TRP D 119 10.72 6.60 -4.89
CA TRP D 119 11.00 7.37 -6.08
C TRP D 119 9.71 7.70 -6.81
N GLY D 120 9.64 8.92 -7.34
CA GLY D 120 8.56 9.31 -8.22
C GLY D 120 7.17 8.94 -7.75
N SER D 121 6.95 8.91 -6.44
CA SER D 121 5.59 8.68 -5.96
C SER D 121 4.83 10.00 -5.95
N ALA D 122 3.57 9.93 -5.52
CA ALA D 122 2.71 11.10 -5.52
C ALA D 122 1.46 10.81 -4.74
N SER D 123 1.03 11.78 -3.94
CA SER D 123 -0.24 11.67 -3.23
C SER D 123 -1.01 12.96 -3.46
N ASN D 124 -2.07 12.88 -4.24
CA ASN D 124 -2.88 14.04 -4.58
C ASN D 124 -4.21 13.94 -3.85
N ALA D 125 -4.64 15.03 -3.23
CA ALA D 125 -5.89 15.02 -2.47
C ALA D 125 -6.64 16.31 -2.77
N GLY D 126 -7.71 16.20 -3.54
CA GLY D 126 -8.54 17.34 -3.90
C GLY D 126 -9.90 17.23 -3.24
N SER D 127 -10.37 18.34 -2.69
CA SER D 127 -11.70 18.34 -2.10
C SER D 127 -12.35 19.69 -2.28
N GLY D 128 -13.64 19.67 -2.60
CA GLY D 128 -14.36 20.92 -2.70
C GLY D 128 -15.43 20.96 -3.76
N SER D 129 -15.39 21.99 -4.60
CA SER D 129 -16.47 22.23 -5.55
C SER D 129 -15.96 22.64 -6.92
N GLY D 130 -14.77 22.16 -7.29
CA GLY D 130 -14.20 22.49 -8.58
C GLY D 130 -13.53 21.32 -9.23
N PHE D 131 -12.26 21.50 -9.58
CA PHE D 131 -11.38 20.44 -10.05
C PHE D 131 -11.78 19.89 -11.41
N ASN D 132 -12.58 20.63 -12.15
CA ASN D 132 -12.84 20.26 -13.53
C ASN D 132 -11.55 20.40 -14.33
N GLY D 133 -11.57 19.89 -15.55
CA GLY D 133 -10.40 20.04 -16.39
C GLY D 133 -9.18 19.28 -15.93
N GLY D 134 -9.35 18.23 -15.13
CA GLY D 134 -8.24 17.35 -14.81
C GLY D 134 -8.11 16.97 -13.35
N PHE D 135 -7.32 15.94 -13.08
CA PHE D 135 -6.98 15.47 -11.74
C PHE D 135 -6.01 14.31 -11.92
N GLY D 136 -5.35 13.94 -10.83
CA GLY D 136 -4.59 12.72 -10.78
C GLY D 136 -3.18 12.86 -11.31
N SER D 137 -2.41 11.80 -11.14
CA SER D 137 -1.01 11.79 -11.53
C SER D 137 -0.87 11.55 -13.02
N SER D 138 0.36 11.63 -13.50
CA SER D 138 0.70 11.34 -14.89
C SER D 138 2.18 11.11 -14.97
N MET D 139 2.58 9.93 -15.41
CA MET D 139 3.96 9.51 -15.38
C MET D 139 4.36 8.84 -16.68
N ASP D 140 5.51 9.26 -17.20
CA ASP D 140 6.09 8.67 -18.40
C ASP D 140 7.48 8.19 -18.00
N SER D 141 7.61 6.89 -17.81
CA SER D 141 8.87 6.31 -17.37
C SER D 141 9.55 5.62 -18.53
N LYS D 142 10.86 5.84 -18.65
CA LYS D 142 11.68 5.17 -19.65
C LYS D 142 12.94 4.70 -18.94
N SER D 143 13.02 3.40 -18.67
CA SER D 143 14.18 2.83 -18.01
C SER D 143 14.85 1.85 -18.97
N SER D 144 16.17 1.99 -19.10
CA SER D 144 16.91 1.16 -20.04
C SER D 144 18.18 0.66 -19.37
N GLY D 145 18.27 -0.65 -19.19
CA GLY D 145 19.52 -1.23 -18.77
C GLY D 145 20.42 -1.39 -19.97
N TRP D 146 21.63 -0.82 -19.91
CA TRP D 146 22.62 -0.96 -20.98
C TRP D 146 22.15 -0.32 -22.28
N GLY D 147 20.97 0.30 -22.26
CA GLY D 147 20.33 0.78 -23.46
C GLY D 147 20.11 2.29 -23.44
N MET D 148 19.57 2.77 -24.56
CA MET D 148 19.40 4.20 -24.78
C MET D 148 18.41 4.80 -23.78
N PHE E 10 40.50 4.08 -15.85
CA PHE E 10 39.72 4.85 -14.90
C PHE E 10 38.40 4.17 -14.55
N GLY E 11 38.49 2.91 -14.14
CA GLY E 11 37.32 2.15 -13.74
C GLY E 11 37.17 2.07 -12.24
N GLY E 12 37.16 0.86 -11.69
CA GLY E 12 37.05 0.73 -10.25
C GLY E 12 37.04 -0.73 -9.84
N ASN E 13 37.14 -0.93 -8.53
CA ASN E 13 37.09 -2.25 -7.90
C ASN E 13 36.76 -2.09 -6.42
N PRO E 14 35.57 -1.59 -6.08
CA PRO E 14 35.25 -1.31 -4.68
C PRO E 14 34.82 -2.58 -3.95
N GLY E 15 35.67 -3.04 -3.04
CA GLY E 15 35.39 -4.27 -2.32
C GLY E 15 36.31 -4.48 -1.14
N GLY E 16 36.75 -5.71 -0.93
CA GLY E 16 37.70 -5.98 0.13
C GLY E 16 37.15 -5.74 1.52
N PHE E 17 36.19 -6.57 1.94
CA PHE E 17 35.54 -6.45 3.23
C PHE E 17 35.79 -7.71 4.03
N GLY E 18 36.09 -7.55 5.31
CA GLY E 18 36.23 -8.70 6.17
C GLY E 18 35.57 -8.54 7.52
N ASN E 19 34.77 -9.52 7.93
CA ASN E 19 34.17 -9.55 9.25
C ASN E 19 34.54 -10.89 9.91
N GLN E 20 34.58 -10.89 11.24
CA GLN E 20 34.99 -12.09 11.95
C GLN E 20 33.97 -12.51 13.00
N GLY E 21 33.26 -11.55 13.56
CA GLY E 21 32.25 -11.82 14.55
C GLY E 21 30.90 -12.12 13.93
N GLY E 22 29.85 -11.96 14.73
CA GLY E 22 28.51 -12.14 14.23
C GLY E 22 28.15 -11.08 13.21
N PHE E 23 27.00 -11.28 12.57
CA PHE E 23 26.54 -10.35 11.54
C PHE E 23 25.02 -10.39 11.49
N GLY E 24 24.39 -9.34 12.05
CA GLY E 24 22.94 -9.26 12.05
C GLY E 24 22.26 -10.42 12.73
N ASN E 25 22.94 -11.07 13.68
CA ASN E 25 22.40 -12.26 14.36
C ASN E 25 21.69 -11.80 15.61
N SER E 26 20.36 -11.71 15.54
CA SER E 26 19.55 -11.32 16.69
C SER E 26 19.37 -12.54 17.58
N ARG E 27 20.42 -12.84 18.34
CA ARG E 27 20.43 -13.98 19.25
C ARG E 27 19.76 -13.57 20.56
N GLY E 28 18.44 -13.75 20.62
CA GLY E 28 17.73 -13.47 21.84
C GLY E 28 17.77 -14.65 22.78
N GLY E 29 18.67 -14.59 23.77
CA GLY E 29 18.88 -15.68 24.70
C GLY E 29 18.60 -15.29 26.14
N GLY E 30 18.78 -16.26 27.02
CA GLY E 30 18.57 -16.05 28.44
C GLY E 30 17.11 -16.03 28.82
N ALA E 31 16.86 -15.52 30.03
CA ALA E 31 15.50 -15.42 30.53
C ALA E 31 14.72 -14.29 29.87
N GLY E 32 15.41 -13.35 29.23
CA GLY E 32 14.75 -12.26 28.54
C GLY E 32 13.81 -12.72 27.44
N LEU E 33 12.60 -12.16 27.43
CA LEU E 33 11.45 -12.52 26.58
C LEU E 33 10.76 -13.77 27.10
N GLY E 34 11.12 -14.24 28.30
CA GLY E 34 10.70 -15.55 28.79
C GLY E 34 9.22 -15.69 29.09
N ASN E 35 8.46 -14.60 29.02
CA ASN E 35 7.03 -14.70 29.28
C ASN E 35 6.32 -13.54 28.58
N ASN E 36 5.62 -13.83 27.49
CA ASN E 36 4.85 -12.84 26.76
C ASN E 36 3.37 -13.01 27.06
N GLN E 37 2.71 -11.92 27.40
CA GLN E 37 1.26 -11.91 27.62
C GLN E 37 0.70 -10.80 26.75
N GLY E 38 0.24 -11.16 25.55
CA GLY E 38 -0.30 -10.21 24.61
C GLY E 38 -1.80 -10.31 24.55
N SER E 39 -2.46 -9.17 24.70
CA SER E 39 -3.91 -9.09 24.61
C SER E 39 -4.31 -7.94 23.70
N ASN E 40 -5.32 -8.19 22.87
CA ASN E 40 -5.87 -7.17 22.01
C ASN E 40 -7.37 -7.11 22.20
N MET E 41 -7.95 -5.95 21.90
CA MET E 41 -9.39 -5.77 21.94
C MET E 41 -9.75 -4.67 20.97
N GLY E 42 -10.98 -4.70 20.48
CA GLY E 42 -11.35 -3.73 19.48
C GLY E 42 -10.50 -3.91 18.23
N GLY E 43 -10.39 -2.81 17.48
CA GLY E 43 -9.49 -2.79 16.33
C GLY E 43 -8.04 -2.73 16.75
N GLY E 44 -7.19 -2.20 15.89
CA GLY E 44 -5.81 -1.96 16.26
C GLY E 44 -5.03 -3.24 16.45
N MET E 45 -3.77 -3.08 16.85
CA MET E 45 -2.85 -4.19 16.98
C MET E 45 -2.09 -4.15 18.29
N ASN E 46 -1.72 -5.33 18.76
CA ASN E 46 -0.79 -5.48 19.86
C ASN E 46 0.35 -6.37 19.41
N PHE E 47 1.57 -6.03 19.82
CA PHE E 47 2.74 -6.81 19.46
C PHE E 47 3.50 -7.18 20.72
N GLY E 48 4.56 -7.98 20.55
CA GLY E 48 5.32 -8.41 21.70
C GLY E 48 6.66 -7.75 21.89
N ALA E 49 7.43 -7.62 20.83
CA ALA E 49 8.79 -7.08 20.87
C ALA E 49 9.31 -7.04 19.44
N PHE E 50 10.35 -6.25 19.23
CA PHE E 50 10.94 -6.08 17.91
C PHE E 50 12.46 -6.10 18.01
N SER E 51 13.08 -7.01 17.27
CA SER E 51 14.54 -7.02 17.12
C SER E 51 14.82 -7.02 15.62
N ILE E 52 15.14 -5.86 15.09
CA ILE E 52 15.34 -5.67 13.66
C ILE E 52 16.79 -5.24 13.46
N ASN E 53 17.60 -6.12 12.90
CA ASN E 53 19.02 -5.81 12.73
C ASN E 53 19.51 -6.09 11.31
N PRO E 54 18.99 -5.35 10.33
CA PRO E 54 19.38 -5.60 8.94
C PRO E 54 20.81 -5.18 8.64
N ALA E 55 21.77 -5.86 9.25
CA ALA E 55 23.16 -5.65 8.90
C ALA E 55 23.40 -6.07 7.45
N MET E 56 24.30 -5.37 6.77
CA MET E 56 24.51 -5.72 5.37
C MET E 56 25.91 -5.34 4.94
N MET E 57 26.34 -5.93 3.83
CA MET E 57 27.65 -5.71 3.24
C MET E 57 27.40 -5.34 1.79
N ALA E 58 27.53 -4.06 1.45
CA ALA E 58 27.09 -3.56 0.15
C ALA E 58 28.24 -2.89 -0.58
N ALA E 59 28.40 -3.24 -1.84
CA ALA E 59 29.36 -2.57 -2.70
C ALA E 59 28.70 -2.22 -4.03
N ALA E 60 29.18 -1.16 -4.64
CA ALA E 60 28.70 -0.74 -5.94
C ALA E 60 29.73 0.20 -6.53
N GLN E 61 29.53 0.57 -7.80
CA GLN E 61 30.40 1.54 -8.44
C GLN E 61 29.70 2.83 -8.79
N ALA E 62 28.38 2.86 -8.76
CA ALA E 62 27.63 4.11 -8.90
C ALA E 62 26.35 3.94 -8.08
N ALA E 63 26.39 4.39 -6.83
CA ALA E 63 25.23 4.37 -5.97
C ALA E 63 24.50 5.69 -6.21
N LEU E 64 23.63 5.69 -7.21
CA LEU E 64 23.05 6.93 -7.71
C LEU E 64 21.58 6.96 -7.31
N GLN E 65 21.23 7.95 -6.48
CA GLN E 65 19.86 8.13 -6.01
C GLN E 65 19.31 6.87 -5.33
N SER E 66 20.17 6.15 -4.61
CA SER E 66 19.78 4.92 -3.95
C SER E 66 19.61 5.14 -2.45
N SER E 67 19.00 4.15 -1.81
CA SER E 67 18.92 4.11 -0.36
C SER E 67 19.35 2.73 0.10
N TRP E 68 20.20 2.69 1.11
CA TRP E 68 20.79 1.42 1.52
C TRP E 68 20.47 1.01 2.95
N GLY E 69 19.73 1.82 3.69
CA GLY E 69 19.32 1.40 5.02
C GLY E 69 17.83 1.23 5.13
N MET E 70 17.15 2.22 5.69
CA MET E 70 15.70 2.28 5.71
C MET E 70 15.26 3.56 5.02
N MET E 71 13.99 3.62 4.62
CA MET E 71 13.53 4.85 4.00
C MET E 71 12.36 5.52 4.70
N GLY E 72 11.25 4.81 4.87
CA GLY E 72 10.01 5.54 5.01
C GLY E 72 9.60 6.07 6.36
N MET E 73 9.31 5.16 7.29
CA MET E 73 8.62 5.54 8.53
C MET E 73 8.87 4.42 9.52
N LEU E 74 9.51 4.73 10.65
CA LEU E 74 9.83 3.70 11.63
C LEU E 74 8.79 3.63 12.74
N ALA E 75 8.55 4.73 13.43
CA ALA E 75 7.49 4.81 14.42
C ALA E 75 6.83 6.16 14.24
N SER E 76 5.69 6.18 13.56
CA SER E 76 5.15 7.47 13.18
C SER E 76 3.64 7.43 13.13
N GLN E 77 3.02 8.50 13.63
CA GLN E 77 1.58 8.64 13.63
C GLN E 77 1.25 9.73 12.62
N GLN E 78 1.22 9.35 11.35
CA GLN E 78 0.88 10.28 10.28
C GLN E 78 -0.59 10.09 9.93
N ASN E 79 -1.44 10.11 10.95
CA ASN E 79 -2.83 9.77 10.73
C ASN E 79 -3.63 11.02 10.38
N GLN E 80 -4.68 10.84 9.61
CA GLN E 80 -5.37 11.95 8.95
C GLN E 80 -6.85 11.94 9.28
N SER E 81 -7.39 13.12 9.54
CA SER E 81 -8.80 13.27 9.85
C SER E 81 -9.41 14.38 9.02
N GLY E 82 -10.61 14.14 8.50
CA GLY E 82 -11.28 15.11 7.67
C GLY E 82 -12.04 16.12 8.51
N PRO E 83 -12.92 16.89 7.87
CA PRO E 83 -13.62 17.96 8.58
C PRO E 83 -14.42 17.44 9.75
N SER E 84 -14.52 18.25 10.79
CA SER E 84 -15.33 17.93 11.96
C SER E 84 -16.32 19.02 12.32
N GLY E 85 -16.27 20.17 11.66
CA GLY E 85 -17.18 21.25 11.97
C GLY E 85 -18.52 21.07 11.27
N ASN E 86 -19.39 22.05 11.49
CA ASN E 86 -20.76 22.00 11.01
C ASN E 86 -20.94 23.02 9.90
N ASN E 87 -21.59 22.60 8.81
CA ASN E 87 -21.90 23.48 7.69
C ASN E 87 -23.41 23.71 7.69
N GLN E 88 -23.82 24.90 8.12
CA GLN E 88 -25.23 25.27 8.19
C GLN E 88 -25.57 26.18 7.02
N ASN E 89 -26.63 25.83 6.30
CA ASN E 89 -27.09 26.63 5.16
C ASN E 89 -28.61 26.74 5.25
N GLN E 90 -29.07 27.79 5.94
CA GLN E 90 -30.50 28.01 6.20
C GLN E 90 -31.11 29.10 5.32
N GLY E 91 -30.73 29.16 4.06
CA GLY E 91 -31.44 30.02 3.14
C GLY E 91 -30.57 30.77 2.16
N ASN E 92 -30.95 30.77 0.89
CA ASN E 92 -30.29 31.59 -0.11
C ASN E 92 -31.35 31.98 -1.15
N MET E 93 -31.95 33.15 -0.96
CA MET E 93 -32.98 33.63 -1.87
C MET E 93 -32.39 34.03 -3.21
N GLN E 94 -32.51 33.14 -4.20
CA GLN E 94 -32.11 33.44 -5.56
C GLN E 94 -33.36 33.48 -6.44
N ARG E 95 -33.49 34.54 -7.23
CA ARG E 95 -34.63 34.63 -8.14
C ARG E 95 -34.33 33.95 -9.47
N GLU E 96 -33.26 34.35 -10.15
CA GLU E 96 -32.96 33.85 -11.48
C GLU E 96 -31.47 33.95 -11.75
N PRO E 97 -30.72 32.87 -11.60
CA PRO E 97 -29.39 32.80 -12.17
C PRO E 97 -29.47 32.48 -13.67
N ASN E 98 -28.32 32.60 -14.32
CA ASN E 98 -28.26 32.38 -15.77
C ASN E 98 -26.83 32.08 -16.17
N GLN E 99 -26.61 30.95 -16.83
CA GLN E 99 -25.28 30.52 -17.26
C GLN E 99 -24.28 30.51 -16.11
N ALA E 100 -24.79 30.34 -14.89
CA ALA E 100 -23.94 30.41 -13.70
C ALA E 100 -23.07 29.17 -13.59
N PHE E 101 -21.84 29.25 -14.11
CA PHE E 101 -20.94 28.11 -14.02
C PHE E 101 -20.59 27.79 -12.57
N GLY E 102 -20.17 28.79 -11.81
CA GLY E 102 -20.03 28.62 -10.38
C GLY E 102 -20.71 29.72 -9.59
N SER E 103 -21.79 29.38 -8.89
CA SER E 103 -22.46 30.38 -8.07
C SER E 103 -23.18 29.70 -6.92
N GLY E 104 -23.39 30.48 -5.86
CA GLY E 104 -24.19 30.03 -4.73
C GLY E 104 -23.66 28.79 -4.04
N ASN E 105 -22.39 28.48 -4.20
CA ASN E 105 -21.83 27.21 -3.74
C ASN E 105 -21.28 27.38 -2.32
N ASN E 106 -22.00 26.87 -1.35
CA ASN E 106 -21.44 26.70 -0.02
C ASN E 106 -20.66 25.39 0.00
N SER E 107 -19.37 25.48 0.32
CA SER E 107 -18.50 24.31 0.28
C SER E 107 -17.66 24.26 1.54
N TYR E 108 -17.94 23.26 2.39
CA TYR E 108 -17.12 22.97 3.56
C TYR E 108 -16.22 21.80 3.20
N SER E 109 -14.95 22.07 2.93
CA SER E 109 -14.09 21.07 2.34
C SER E 109 -12.79 20.93 3.13
N GLY E 110 -12.31 19.70 3.21
CA GLY E 110 -11.04 19.44 3.84
C GLY E 110 -10.19 18.49 3.02
N SER E 111 -8.88 18.70 2.99
CA SER E 111 -8.03 17.85 2.19
C SER E 111 -6.68 17.67 2.88
N ASN E 112 -6.22 16.43 2.95
CA ASN E 112 -4.97 16.09 3.61
C ASN E 112 -4.12 15.23 2.69
N SER E 113 -2.80 15.35 2.85
CA SER E 113 -1.87 14.56 2.08
C SER E 113 -0.78 14.04 3.00
N GLY E 114 -0.15 12.96 2.58
CA GLY E 114 0.86 12.32 3.39
C GLY E 114 2.23 12.93 3.19
N ALA E 115 3.17 12.46 3.99
CA ALA E 115 4.54 12.92 3.85
C ALA E 115 5.14 12.39 2.56
N ALA E 116 5.75 13.28 1.78
CA ALA E 116 6.41 12.89 0.55
C ALA E 116 7.87 12.62 0.89
N ILE E 117 8.23 11.35 0.97
CA ILE E 117 9.54 10.91 1.40
C ILE E 117 10.24 10.23 0.25
N GLY E 118 11.51 10.57 0.03
CA GLY E 118 12.30 9.95 -1.00
C GLY E 118 12.50 10.87 -2.19
N TRP E 119 13.15 10.31 -3.21
CA TRP E 119 13.45 11.06 -4.40
C TRP E 119 12.19 11.39 -5.16
N GLY E 120 12.14 12.60 -5.72
CA GLY E 120 11.09 12.99 -6.62
C GLY E 120 9.68 12.65 -6.18
N SER E 121 9.43 12.63 -4.88
CA SER E 121 8.06 12.43 -4.43
C SER E 121 7.31 13.74 -4.45
N ALA E 122 6.04 13.69 -4.06
CA ALA E 122 5.20 14.88 -4.09
C ALA E 122 3.92 14.59 -3.34
N SER E 123 3.48 15.58 -2.56
CA SER E 123 2.19 15.50 -1.88
C SER E 123 1.44 16.79 -2.14
N ASN E 124 0.40 16.71 -2.96
CA ASN E 124 -0.40 17.88 -3.32
C ASN E 124 -1.75 17.79 -2.62
N ALA E 125 -2.18 18.88 -2.03
CA ALA E 125 -3.44 18.91 -1.31
C ALA E 125 -4.18 20.19 -1.64
N GLY E 126 -5.23 20.09 -2.43
CA GLY E 126 -6.04 21.23 -2.83
C GLY E 126 -7.41 21.14 -2.19
N SER E 127 -7.89 22.26 -1.67
CA SER E 127 -9.23 22.28 -1.11
C SER E 127 -9.86 23.64 -1.32
N GLY E 128 -11.14 23.63 -1.68
CA GLY E 128 -11.85 24.88 -1.81
C GLY E 128 -12.89 24.92 -2.90
N SER E 129 -12.83 25.93 -3.75
CA SER E 129 -13.89 26.18 -4.73
C SER E 129 -13.33 26.54 -6.09
N GLY E 130 -12.15 26.06 -6.42
CA GLY E 130 -11.54 26.37 -7.70
C GLY E 130 -10.86 25.18 -8.33
N PHE E 131 -9.59 25.34 -8.64
CA PHE E 131 -8.70 24.26 -9.08
C PHE E 131 -9.07 23.71 -10.44
N ASN E 132 -9.85 24.45 -11.22
CA ASN E 132 -10.09 24.05 -12.59
C ASN E 132 -8.77 24.16 -13.36
N GLY E 133 -8.77 23.64 -14.58
CA GLY E 133 -7.57 23.77 -15.39
C GLY E 133 -6.37 23.01 -14.89
N GLY E 134 -6.57 21.98 -14.07
CA GLY E 134 -5.48 21.09 -13.73
C GLY E 134 -5.39 20.73 -12.26
N PHE E 135 -4.62 19.69 -11.95
CA PHE E 135 -4.30 19.23 -10.60
C PHE E 135 -3.35 18.06 -10.74
N GLY E 136 -2.72 17.70 -9.63
CA GLY E 136 -1.96 16.48 -9.54
C GLY E 136 -0.54 16.61 -10.04
N SER E 137 0.22 15.53 -9.84
CA SER E 137 1.62 15.51 -10.19
C SER E 137 1.79 15.24 -11.69
N SER E 138 3.04 15.32 -12.13
CA SER E 138 3.40 15.00 -13.51
C SER E 138 4.89 14.77 -13.55
N MET E 139 5.28 13.56 -13.96
CA MET E 139 6.67 13.14 -13.89
C MET E 139 7.09 12.45 -15.18
N ASP E 140 8.24 12.84 -15.68
CA ASP E 140 8.86 12.24 -16.86
C ASP E 140 10.23 11.74 -16.42
N SER E 141 10.34 10.45 -16.20
CA SER E 141 11.58 9.86 -15.72
C SER E 141 12.29 9.16 -16.86
N LYS E 142 13.60 9.35 -16.95
CA LYS E 142 14.43 8.67 -17.92
C LYS E 142 15.68 8.19 -17.18
N SER E 143 15.74 6.90 -16.89
CA SER E 143 16.88 6.32 -16.19
C SER E 143 17.56 5.34 -17.11
N SER E 144 18.88 5.45 -17.22
CA SER E 144 19.65 4.61 -18.12
C SER E 144 20.89 4.11 -17.43
N GLY E 145 20.96 2.80 -17.22
CA GLY E 145 22.20 2.21 -16.77
C GLY E 145 23.12 2.03 -17.94
N TRP E 146 24.34 2.58 -17.86
CA TRP E 146 25.35 2.42 -18.90
C TRP E 146 24.91 3.05 -20.22
N GLY E 147 23.73 3.68 -20.24
CA GLY E 147 23.14 4.15 -21.46
C GLY E 147 22.93 5.66 -21.48
N MET E 148 22.42 6.13 -22.61
CA MET E 148 22.27 7.56 -22.85
C MET E 148 21.26 8.18 -21.89
#